data_8QC4
#
_entry.id   8QC4
#
_cell.length_a   68.092
_cell.length_b   84.001
_cell.length_c   93.683
_cell.angle_alpha   90
_cell.angle_beta   110.53
_cell.angle_gamma   90
#
_symmetry.space_group_name_H-M   'P 1 21 1'
#
loop_
_entity.id
_entity.type
_entity.pdbx_description
1 polymer 'Salicylate synthase'
2 non-polymer '5-(3-carboxyphenyl)furan-2-carboxylic acid'
3 non-polymer 'SULFATE ION'
4 non-polymer GLYCEROL
5 water water
#
_entity_poly.entity_id   1
_entity_poly.type   'polypeptide(L)'
_entity_poly.pdbx_seq_one_letter_code
;HMSELSVATGAVSTASSSIPMPAGVNPADLAAELAAVVTESVDEDYLLYECDGQWVLAAGVQAMVELDSDELRVIRDGVT
RRQQWSGRPGAALGEAVDRLLLETDQAFGWVAFEFGVHRYGLQQRLAPHTPLARVFSPRTRIMVSEKEIRLFDAGIRHRE
AIDRLLATGVREVPQSRSVDVSDDPSGFRRRVAVAVDEIAAGRYHKVILSRCVEVPFAIDFPLTYRLGRRHNTPVRSFLL
QLGGIRALGYSPELVTAVRADGVVITEPLAGTRALGRGPAIDRLARDDLESNSKEIVEHAISVRSSLEEITDIAEPGSAA
VIDFMTVRERGSVQHLGSTIRARLDPSSDRMAALEALFPAVTASGIPKAAGVEAIFRLDECPRGLYSGAVVMLSADGGLD
AALTLRAAYQVGGRTWLRAGAGIIEESEPEREFEETCEKLSTLTPYLVARQ
;
_entity_poly.pdbx_strand_id   A,B
#
loop_
_chem_comp.id
_chem_comp.type
_chem_comp.name
_chem_comp.formula
GOL non-polymer GLYCEROL 'C3 H8 O3'
SO4 non-polymer 'SULFATE ION' 'O4 S -2'
TXR non-polymer '5-(3-carboxyphenyl)furan-2-carboxylic acid' 'C12 H8 O5'
#
# COMPACT_ATOMS: atom_id res chain seq x y z
N THR A 14 -19.99 19.66 12.24
CA THR A 14 -20.08 18.37 11.54
C THR A 14 -18.78 17.54 11.67
N ALA A 15 -17.62 18.19 11.88
CA ALA A 15 -16.37 17.45 12.06
C ALA A 15 -16.33 16.92 13.50
N SER A 16 -15.90 15.66 13.72
CA SER A 16 -15.82 15.12 15.08
C SER A 16 -14.59 15.64 15.85
N SER A 17 -13.60 16.20 15.17
CA SER A 17 -12.45 16.83 15.82
C SER A 17 -12.02 18.08 15.00
N SER A 18 -11.58 19.11 15.68
CA SER A 18 -11.04 20.32 15.06
C SER A 18 -9.81 20.70 15.91
N ILE A 19 -8.61 20.64 15.30
CA ILE A 19 -7.36 20.93 16.00
C ILE A 19 -6.73 22.17 15.43
N PRO A 20 -6.39 23.18 16.26
CA PRO A 20 -5.71 24.37 15.72
C PRO A 20 -4.41 23.99 15.04
N MET A 21 -4.11 24.64 13.94
CA MET A 21 -2.90 24.37 13.20
C MET A 21 -1.71 24.85 14.04
N PRO A 22 -0.67 24.02 14.19
CA PRO A 22 0.50 24.47 14.94
C PRO A 22 1.19 25.66 14.27
N ALA A 23 1.79 26.53 15.10
CA ALA A 23 2.48 27.72 14.64
C ALA A 23 3.63 27.34 13.69
N GLY A 24 3.78 28.10 12.62
CA GLY A 24 4.89 27.94 11.70
C GLY A 24 4.79 26.79 10.73
N VAL A 25 3.63 26.11 10.67
CA VAL A 25 3.45 24.99 9.76
C VAL A 25 2.47 25.33 8.64
N ASN A 26 2.89 25.13 7.38
CA ASN A 26 2.03 25.42 6.25
C ASN A 26 1.10 24.22 5.98
N PRO A 27 -0.16 24.48 5.62
CA PRO A 27 -1.10 23.38 5.39
C PRO A 27 -0.65 22.36 4.35
N ALA A 28 0.02 22.79 3.24
CA ALA A 28 0.42 21.80 2.21
C ALA A 28 1.40 20.76 2.80
N ASP A 29 2.30 21.24 3.67
CA ASP A 29 3.30 20.40 4.34
C ASP A 29 2.65 19.46 5.31
N LEU A 30 1.74 19.96 6.17
CA LEU A 30 1.08 19.09 7.13
C LEU A 30 0.19 18.05 6.41
N ALA A 31 -0.61 18.49 5.43
CA ALA A 31 -1.50 17.54 4.72
C ALA A 31 -0.70 16.43 4.02
N ALA A 32 0.42 16.77 3.32
CA ALA A 32 1.20 15.75 2.61
C ALA A 32 1.89 14.84 3.63
N GLU A 33 2.37 15.39 4.76
CA GLU A 33 2.98 14.56 5.82
C GLU A 33 1.94 13.59 6.38
N LEU A 34 0.70 14.05 6.56
CA LEU A 34 -0.37 13.20 7.06
C LEU A 34 -0.67 12.07 6.10
N ALA A 35 -0.64 12.36 4.79
CA ALA A 35 -0.81 11.29 3.79
C ALA A 35 0.33 10.23 3.96
N ALA A 36 1.58 10.67 4.19
CA ALA A 36 2.69 9.71 4.45
C ALA A 36 2.49 8.91 5.75
N VAL A 37 2.08 9.56 6.84
CA VAL A 37 1.93 8.88 8.12
C VAL A 37 0.79 7.84 8.04
N VAL A 38 -0.30 8.24 7.44
CA VAL A 38 -1.46 7.37 7.30
C VAL A 38 -1.12 6.20 6.36
N THR A 39 -0.31 6.45 5.29
CA THR A 39 0.18 5.37 4.42
C THR A 39 0.97 4.31 5.19
N GLU A 40 1.81 4.77 6.10
CA GLU A 40 2.65 3.87 6.86
C GLU A 40 1.81 3.07 7.83
N SER A 41 0.79 3.71 8.49
CA SER A 41 0.05 2.95 9.51
C SER A 41 -1.11 2.13 9.01
N VAL A 42 -1.82 2.61 8.00
CA VAL A 42 -3.04 1.98 7.53
C VAL A 42 -2.87 1.32 6.15
N ASP A 43 -1.94 1.85 5.30
CA ASP A 43 -1.67 1.26 3.97
C ASP A 43 -2.92 1.24 3.06
N GLU A 44 -3.53 2.41 2.91
CA GLU A 44 -4.75 2.51 2.12
C GLU A 44 -4.56 3.48 0.95
N ASP A 45 -5.48 3.41 0.01
CA ASP A 45 -5.50 4.37 -1.09
C ASP A 45 -6.04 5.72 -0.59
N TYR A 46 -5.68 6.81 -1.30
CA TYR A 46 -6.07 8.15 -0.88
C TYR A 46 -5.94 9.11 -2.04
N LEU A 47 -6.55 10.28 -1.87
CA LEU A 47 -6.41 11.40 -2.80
C LEU A 47 -6.42 12.67 -1.97
N LEU A 48 -5.38 13.48 -2.11
CA LEU A 48 -5.27 14.75 -1.42
C LEU A 48 -5.54 15.84 -2.48
N TYR A 49 -6.53 16.69 -2.26
CA TYR A 49 -6.92 17.73 -3.23
C TYR A 49 -6.90 19.09 -2.56
N GLU A 50 -6.17 20.05 -3.18
CA GLU A 50 -6.08 21.42 -2.66
C GLU A 50 -7.04 22.26 -3.46
N CYS A 51 -7.95 22.90 -2.76
CA CYS A 51 -8.95 23.75 -3.41
C CYS A 51 -9.24 24.95 -2.52
N ASP A 52 -8.82 26.15 -2.97
CA ASP A 52 -9.07 27.41 -2.28
C ASP A 52 -8.68 27.43 -0.79
N GLY A 53 -7.44 27.06 -0.51
CA GLY A 53 -6.92 27.14 0.86
C GLY A 53 -7.26 25.96 1.74
N GLN A 54 -8.00 24.96 1.22
CA GLN A 54 -8.29 23.75 2.00
C GLN A 54 -7.60 22.60 1.31
N TRP A 55 -6.86 21.79 2.06
CA TRP A 55 -6.22 20.59 1.54
C TRP A 55 -7.09 19.47 2.10
N VAL A 56 -7.83 18.78 1.24
CA VAL A 56 -8.73 17.72 1.70
C VAL A 56 -8.08 16.39 1.40
N LEU A 57 -7.78 15.65 2.48
CA LEU A 57 -7.24 14.30 2.33
C LEU A 57 -8.42 13.34 2.40
N ALA A 58 -8.76 12.72 1.26
CA ALA A 58 -9.84 11.75 1.14
C ALA A 58 -9.13 10.41 1.33
N ALA A 59 -9.28 9.81 2.52
CA ALA A 59 -8.52 8.62 2.88
C ALA A 59 -9.38 7.36 2.92
N GLY A 60 -8.89 6.31 2.25
CA GLY A 60 -9.57 5.03 2.25
C GLY A 60 -10.67 5.03 1.21
N VAL A 61 -10.98 3.86 0.65
CA VAL A 61 -12.03 3.73 -0.36
C VAL A 61 -13.25 3.03 0.24
N GLN A 62 -14.37 3.74 0.39
CA GLN A 62 -15.60 3.12 0.88
C GLN A 62 -16.30 2.46 -0.34
N ALA A 63 -16.34 3.16 -1.47
CA ALA A 63 -16.94 2.62 -2.70
C ALA A 63 -16.24 3.25 -3.88
N MET A 64 -16.08 2.49 -4.97
CA MET A 64 -15.38 3.01 -6.13
C MET A 64 -16.25 2.86 -7.38
N VAL A 65 -16.33 3.94 -8.18
CA VAL A 65 -16.98 3.93 -9.49
C VAL A 65 -15.85 3.88 -10.53
N GLU A 66 -15.89 2.88 -11.41
CA GLU A 66 -14.93 2.75 -12.50
C GLU A 66 -15.69 2.87 -13.81
N LEU A 67 -15.48 3.97 -14.53
CA LEU A 67 -16.11 4.10 -15.81
C LEU A 67 -15.04 3.77 -16.87
N ASP A 68 -15.32 2.79 -17.71
CA ASP A 68 -14.47 2.42 -18.83
C ASP A 68 -15.24 2.67 -20.12
N SER A 69 -14.56 2.61 -21.26
CA SER A 69 -15.21 2.88 -22.54
C SER A 69 -16.40 1.95 -22.84
N ASP A 70 -16.34 0.74 -22.31
CA ASP A 70 -17.36 -0.27 -22.61
C ASP A 70 -18.13 -0.79 -21.42
N GLU A 71 -17.86 -0.30 -20.21
CA GLU A 71 -18.50 -0.82 -19.01
C GLU A 71 -18.40 0.16 -17.85
N LEU A 72 -19.34 0.07 -16.92
CA LEU A 72 -19.33 0.84 -15.69
C LEU A 72 -19.34 -0.20 -14.55
N ARG A 73 -18.46 -0.01 -13.55
CA ARG A 73 -18.45 -0.92 -12.40
C ARG A 73 -18.53 -0.07 -11.12
N VAL A 74 -19.35 -0.47 -10.16
CA VAL A 74 -19.41 0.17 -8.85
C VAL A 74 -19.06 -0.95 -7.85
N ILE A 75 -17.93 -0.79 -7.15
CA ILE A 75 -17.38 -1.79 -6.25
C ILE A 75 -17.48 -1.30 -4.84
N ARG A 76 -18.07 -2.11 -3.97
CA ARG A 76 -18.12 -1.78 -2.54
C ARG A 76 -17.92 -3.07 -1.76
N ASP A 77 -16.91 -3.11 -0.90
CA ASP A 77 -16.63 -4.30 -0.06
C ASP A 77 -16.59 -5.62 -0.86
N GLY A 78 -15.88 -5.62 -1.98
CA GLY A 78 -15.72 -6.83 -2.78
C GLY A 78 -16.92 -7.24 -3.62
N VAL A 79 -17.97 -6.41 -3.64
CA VAL A 79 -19.17 -6.69 -4.41
C VAL A 79 -19.21 -5.72 -5.58
N THR A 80 -19.41 -6.22 -6.78
CA THR A 80 -19.40 -5.40 -7.96
C THR A 80 -20.72 -5.37 -8.70
N ARG A 81 -21.19 -4.16 -9.03
CA ARG A 81 -22.31 -3.94 -9.92
C ARG A 81 -21.60 -3.59 -11.24
N ARG A 82 -21.82 -4.39 -12.27
CA ARG A 82 -21.17 -4.26 -13.57
C ARG A 82 -22.24 -4.02 -14.61
N GLN A 83 -22.21 -2.88 -15.30
CA GLN A 83 -23.28 -2.55 -16.24
C GLN A 83 -22.76 -2.03 -17.54
N GLN A 84 -23.40 -2.41 -18.63
CA GLN A 84 -23.15 -1.83 -19.94
C GLN A 84 -23.76 -0.39 -19.86
N TRP A 85 -23.22 0.56 -20.60
CA TRP A 85 -23.75 1.91 -20.67
C TRP A 85 -23.69 2.38 -22.10
N SER A 86 -24.58 3.30 -22.43
CA SER A 86 -24.59 3.91 -23.76
C SER A 86 -24.88 5.42 -23.63
N GLY A 87 -24.71 6.16 -24.71
CA GLY A 87 -24.94 7.59 -24.70
C GLY A 87 -23.75 8.32 -24.13
N ARG A 88 -23.99 9.40 -23.40
CA ARG A 88 -22.92 10.25 -22.91
C ARG A 88 -22.23 9.71 -21.65
N PRO A 89 -20.89 9.74 -21.62
CA PRO A 89 -20.16 9.19 -20.46
C PRO A 89 -20.44 9.97 -19.18
N GLY A 90 -20.76 11.26 -19.30
CA GLY A 90 -21.10 12.08 -18.15
C GLY A 90 -22.39 11.65 -17.47
N ALA A 91 -23.39 11.12 -18.25
CA ALA A 91 -24.63 10.64 -17.64
C ALA A 91 -24.39 9.33 -16.88
N ALA A 92 -23.53 8.44 -17.41
CA ALA A 92 -23.24 7.16 -16.75
C ALA A 92 -22.46 7.44 -15.45
N LEU A 93 -21.43 8.29 -15.52
CA LEU A 93 -20.64 8.65 -14.34
C LEU A 93 -21.48 9.40 -13.32
N GLY A 94 -22.26 10.37 -13.78
CA GLY A 94 -23.11 11.19 -12.92
C GLY A 94 -24.12 10.38 -12.15
N GLU A 95 -24.81 9.42 -12.82
CA GLU A 95 -25.80 8.61 -12.11
C GLU A 95 -25.11 7.77 -11.00
N ALA A 96 -23.93 7.20 -11.26
CA ALA A 96 -23.26 6.37 -10.26
C ALA A 96 -22.72 7.25 -9.13
N VAL A 97 -22.14 8.41 -9.46
CA VAL A 97 -21.59 9.29 -8.44
C VAL A 97 -22.69 9.90 -7.59
N ASP A 98 -23.84 10.30 -8.18
CA ASP A 98 -24.97 10.83 -7.41
C ASP A 98 -25.44 9.80 -6.36
N ARG A 99 -25.43 8.52 -6.74
CA ARG A 99 -25.74 7.40 -5.86
C ARG A 99 -24.75 7.31 -4.69
N LEU A 100 -23.42 7.47 -4.95
CA LEU A 100 -22.41 7.46 -3.87
C LEU A 100 -22.73 8.62 -2.90
N LEU A 101 -23.13 9.78 -3.43
CA LEU A 101 -23.35 10.98 -2.62
C LEU A 101 -24.66 11.00 -1.86
N LEU A 102 -25.55 9.99 -2.05
CA LEU A 102 -26.76 9.94 -1.22
C LEU A 102 -26.37 9.64 0.24
N GLU A 103 -25.24 8.95 0.48
CA GLU A 103 -24.83 8.55 1.82
C GLU A 103 -23.47 9.09 2.29
N THR A 104 -22.83 9.93 1.50
CA THR A 104 -21.57 10.55 1.85
C THR A 104 -21.55 11.99 1.28
N ASP A 105 -20.76 12.88 1.93
CA ASP A 105 -20.76 14.27 1.50
C ASP A 105 -19.95 14.58 0.25
N GLN A 106 -18.81 13.89 0.06
CA GLN A 106 -17.94 14.20 -1.07
C GLN A 106 -17.36 12.94 -1.72
N ALA A 107 -17.03 13.06 -2.99
CA ALA A 107 -16.41 12.02 -3.79
C ALA A 107 -15.25 12.65 -4.55
N PHE A 108 -14.22 11.87 -4.82
CA PHE A 108 -12.99 12.41 -5.43
C PHE A 108 -12.47 11.45 -6.48
N GLY A 109 -11.65 11.93 -7.40
CA GLY A 109 -11.06 11.00 -8.37
C GLY A 109 -10.47 11.71 -9.55
N TRP A 110 -10.40 10.99 -10.66
CA TRP A 110 -9.84 11.53 -11.88
C TRP A 110 -10.67 11.15 -13.11
N VAL A 111 -10.59 11.98 -14.13
CA VAL A 111 -11.25 11.78 -15.39
C VAL A 111 -10.15 11.79 -16.44
N ALA A 112 -10.12 10.77 -17.31
CA ALA A 112 -9.07 10.65 -18.28
C ALA A 112 -9.31 11.67 -19.42
N PHE A 113 -8.27 11.97 -20.21
CA PHE A 113 -8.46 12.75 -21.45
C PHE A 113 -9.55 12.05 -22.36
N GLU A 114 -9.52 10.70 -22.38
CA GLU A 114 -10.43 9.89 -23.24
C GLU A 114 -11.91 10.09 -22.90
N PHE A 115 -12.23 10.59 -21.71
CA PHE A 115 -13.63 10.93 -21.37
C PHE A 115 -14.18 12.01 -22.32
N GLY A 116 -13.30 12.85 -22.87
CA GLY A 116 -13.73 13.95 -23.73
C GLY A 116 -13.89 13.64 -25.21
N VAL A 117 -13.64 12.41 -25.66
CA VAL A 117 -13.70 12.11 -27.11
C VAL A 117 -15.13 11.79 -27.61
N HIS A 118 -16.03 11.36 -26.69
CA HIS A 118 -17.40 11.00 -27.05
CA HIS A 118 -17.41 11.01 -27.05
C HIS A 118 -18.17 12.18 -27.62
N ARG A 119 -17.96 13.39 -27.07
CA ARG A 119 -18.68 14.57 -27.57
C ARG A 119 -18.35 14.88 -29.03
N TYR A 120 -17.20 14.41 -29.54
CA TYR A 120 -16.82 14.62 -30.94
C TYR A 120 -17.06 13.40 -31.85
N GLY A 121 -17.71 12.37 -31.31
CA GLY A 121 -18.04 11.16 -32.05
C GLY A 121 -16.82 10.30 -32.33
N LEU A 122 -15.78 10.39 -31.47
CA LEU A 122 -14.55 9.65 -31.74
C LEU A 122 -14.35 8.42 -30.84
N GLN A 123 -15.32 8.09 -29.99
CA GLN A 123 -15.19 7.00 -29.01
C GLN A 123 -14.93 5.62 -29.64
N GLN A 124 -15.36 5.41 -30.91
CA GLN A 124 -15.04 4.13 -31.57
C GLN A 124 -13.53 3.96 -31.86
N ARG A 125 -12.75 5.03 -31.77
CA ARG A 125 -11.30 4.98 -31.96
C ARG A 125 -10.59 4.42 -30.69
N LEU A 126 -11.30 4.38 -29.53
CA LEU A 126 -10.67 3.87 -28.31
C LEU A 126 -10.52 2.38 -28.35
N ALA A 127 -9.48 1.89 -27.72
CA ALA A 127 -9.30 0.46 -27.59
C ALA A 127 -10.35 -0.06 -26.57
N PRO A 128 -10.72 -1.36 -26.61
CA PRO A 128 -11.65 -1.88 -25.59
C PRO A 128 -11.09 -1.68 -24.17
N HIS A 129 -11.98 -1.54 -23.16
CA HIS A 129 -11.56 -1.39 -21.78
C HIS A 129 -10.74 -0.14 -21.49
N THR A 130 -10.88 0.92 -22.30
CA THR A 130 -10.12 2.16 -22.05
C THR A 130 -10.68 2.85 -20.82
N PRO A 131 -9.85 3.17 -19.81
CA PRO A 131 -10.38 3.89 -18.63
C PRO A 131 -10.87 5.32 -18.96
N LEU A 132 -12.05 5.70 -18.45
CA LEU A 132 -12.56 7.07 -18.66
C LEU A 132 -12.57 7.87 -17.33
N ALA A 133 -12.87 7.19 -16.21
CA ALA A 133 -12.89 7.90 -14.92
C ALA A 133 -12.80 6.90 -13.77
N ARG A 134 -12.31 7.40 -12.62
CA ARG A 134 -12.24 6.60 -11.40
C ARG A 134 -12.63 7.57 -10.28
N VAL A 135 -13.80 7.36 -9.66
CA VAL A 135 -14.30 8.29 -8.62
C VAL A 135 -14.69 7.50 -7.43
N PHE A 136 -14.19 7.87 -6.24
CA PHE A 136 -14.50 7.09 -5.04
C PHE A 136 -15.09 7.93 -3.93
N SER A 137 -15.82 7.28 -3.02
CA SER A 137 -16.24 7.93 -1.80
C SER A 137 -15.24 7.46 -0.72
N PRO A 138 -14.67 8.41 0.02
CA PRO A 138 -13.66 8.04 1.04
C PRO A 138 -14.26 7.54 2.32
N ARG A 139 -13.48 6.77 3.06
CA ARG A 139 -13.92 6.34 4.39
C ARG A 139 -13.80 7.50 5.38
N THR A 140 -12.77 8.33 5.22
CA THR A 140 -12.44 9.42 6.13
C THR A 140 -12.00 10.64 5.33
N ARG A 141 -12.20 11.83 5.87
CA ARG A 141 -11.70 13.07 5.25
C ARG A 141 -11.00 13.90 6.32
N ILE A 142 -9.80 14.34 6.03
CA ILE A 142 -9.11 15.25 6.92
C ILE A 142 -8.91 16.56 6.13
N MET A 143 -9.46 17.65 6.65
CA MET A 143 -9.36 18.96 5.97
C MET A 143 -8.35 19.88 6.68
N VAL A 144 -7.28 20.26 5.97
CA VAL A 144 -6.22 21.07 6.52
C VAL A 144 -6.22 22.46 5.89
N SER A 145 -6.32 23.46 6.70
CA SER A 145 -6.29 24.86 6.25
C SER A 145 -5.22 25.60 7.04
N GLU A 146 -4.97 26.88 6.76
CA GLU A 146 -4.01 27.66 7.55
C GLU A 146 -4.47 27.72 9.03
N LYS A 147 -5.77 27.70 9.30
CA LYS A 147 -6.37 27.86 10.64
C LYS A 147 -6.50 26.55 11.44
N GLU A 148 -6.96 25.45 10.81
CA GLU A 148 -7.23 24.23 11.60
C GLU A 148 -7.16 22.95 10.79
N ILE A 149 -7.19 21.81 11.53
CA ILE A 149 -7.25 20.47 10.98
C ILE A 149 -8.62 19.95 11.43
N ARG A 150 -9.49 19.60 10.47
CA ARG A 150 -10.81 19.10 10.78
C ARG A 150 -10.89 17.62 10.40
N LEU A 151 -11.37 16.79 11.30
CA LEU A 151 -11.46 15.36 11.05
C LEU A 151 -12.90 14.90 10.85
N PHE A 152 -13.18 14.20 9.75
CA PHE A 152 -14.51 13.71 9.44
C PHE A 152 -14.47 12.19 9.35
N ASP A 153 -15.26 11.52 10.20
CA ASP A 153 -15.35 10.05 10.22
C ASP A 153 -13.98 9.37 10.39
N ALA A 154 -13.14 9.92 11.28
CA ALA A 154 -11.81 9.36 11.47
C ALA A 154 -11.85 8.32 12.60
N GLY A 155 -11.46 7.10 12.29
CA GLY A 155 -11.33 6.04 13.30
C GLY A 155 -10.06 6.19 14.12
N ILE A 156 -9.85 5.30 15.11
CA ILE A 156 -8.73 5.46 16.03
C ILE A 156 -7.34 5.55 15.33
N ARG A 157 -7.05 4.77 14.27
CA ARG A 157 -5.74 4.86 13.60
C ARG A 157 -5.49 6.19 12.94
N HIS A 158 -6.51 6.77 12.33
CA HIS A 158 -6.33 8.08 11.68
C HIS A 158 -6.16 9.16 12.77
N ARG A 159 -6.95 9.10 13.86
CA ARG A 159 -6.82 10.08 14.94
C ARG A 159 -5.45 9.99 15.57
N GLU A 160 -4.96 8.77 15.84
CA GLU A 160 -3.62 8.63 16.43
C GLU A 160 -2.48 9.05 15.47
N ALA A 161 -2.67 8.91 14.15
CA ALA A 161 -1.67 9.34 13.18
C ALA A 161 -1.52 10.86 13.20
N ILE A 162 -2.65 11.58 13.31
CA ILE A 162 -2.60 13.04 13.37
C ILE A 162 -1.90 13.47 14.67
N ASP A 163 -2.23 12.79 15.80
CA ASP A 163 -1.60 13.09 17.09
C ASP A 163 -0.11 12.86 17.04
N ARG A 164 0.33 11.78 16.38
CA ARG A 164 1.75 11.46 16.28
C ARG A 164 2.49 12.48 15.43
N LEU A 165 1.87 12.91 14.34
CA LEU A 165 2.45 13.91 13.44
C LEU A 165 2.56 15.25 14.16
N LEU A 166 1.52 15.66 14.89
CA LEU A 166 1.59 16.92 15.65
C LEU A 166 2.69 16.85 16.72
N ALA A 167 2.93 15.67 17.30
CA ALA A 167 3.96 15.53 18.33
C ALA A 167 5.36 15.60 17.73
N THR A 168 5.58 14.93 16.58
CA THR A 168 6.92 14.92 15.97
C THR A 168 7.22 16.16 15.10
N GLY A 169 6.19 16.77 14.53
CA GLY A 169 6.36 17.86 13.56
C GLY A 169 6.62 17.28 12.17
N VAL A 170 6.61 18.11 11.12
CA VAL A 170 6.85 17.64 9.76
C VAL A 170 8.33 17.35 9.49
N ARG A 171 8.62 16.40 8.61
CA ARG A 171 10.00 16.05 8.28
C ARG A 171 10.64 17.18 7.48
N GLU A 172 11.96 17.32 7.59
CA GLU A 172 12.70 18.24 6.74
C GLU A 172 12.75 17.57 5.36
N VAL A 173 12.48 18.32 4.28
CA VAL A 173 12.51 17.75 2.93
C VAL A 173 13.94 17.53 2.50
N PRO A 174 14.29 16.30 2.11
CA PRO A 174 15.66 16.03 1.64
C PRO A 174 16.00 16.77 0.36
N GLN A 175 17.29 16.80 0.00
CA GLN A 175 17.71 17.42 -1.25
C GLN A 175 17.13 16.61 -2.43
N SER A 176 16.83 17.29 -3.53
CA SER A 176 16.27 16.66 -4.71
C SER A 176 17.35 16.04 -5.61
N ARG A 177 16.94 15.19 -6.56
CA ARG A 177 17.84 14.55 -7.48
C ARG A 177 17.45 14.91 -8.91
N SER A 178 18.45 15.31 -9.71
CA SER A 178 18.20 15.79 -11.05
C SER A 178 17.82 14.71 -12.07
N VAL A 179 17.15 15.14 -13.15
CA VAL A 179 16.76 14.28 -14.25
C VAL A 179 17.09 14.96 -15.59
N ASP A 180 17.47 14.18 -16.58
CA ASP A 180 17.79 14.69 -17.90
C ASP A 180 16.55 14.71 -18.77
N VAL A 181 16.13 15.90 -19.26
CA VAL A 181 14.95 15.99 -20.13
C VAL A 181 15.31 16.21 -21.61
N SER A 182 16.60 16.24 -21.96
CA SER A 182 17.06 16.58 -23.30
C SER A 182 16.86 15.49 -24.37
N ASP A 183 16.67 14.22 -23.99
CA ASP A 183 16.49 13.16 -25.00
C ASP A 183 15.12 13.22 -25.67
N ASP A 184 15.04 12.79 -26.93
CA ASP A 184 13.76 12.80 -27.66
C ASP A 184 13.45 11.40 -28.24
N PRO A 185 13.26 10.36 -27.40
CA PRO A 185 13.05 9.00 -27.96
C PRO A 185 11.75 8.82 -28.71
N SER A 186 10.73 9.64 -28.41
CA SER A 186 9.43 9.51 -29.07
C SER A 186 9.25 10.43 -30.31
N GLY A 187 10.30 11.10 -30.73
CA GLY A 187 10.27 11.93 -31.93
C GLY A 187 9.31 13.08 -31.85
N PHE A 188 9.24 13.76 -30.68
CA PHE A 188 8.42 14.96 -30.53
C PHE A 188 8.72 16.01 -31.60
N ARG A 189 10.01 16.26 -31.92
CA ARG A 189 10.35 17.27 -32.93
C ARG A 189 9.77 16.88 -34.28
N ARG A 190 9.87 15.62 -34.64
CA ARG A 190 9.30 15.14 -35.91
C ARG A 190 7.76 15.25 -35.92
N ARG A 191 7.12 14.87 -34.84
CA ARG A 191 5.67 14.94 -34.70
C ARG A 191 5.16 16.38 -34.77
N VAL A 192 5.92 17.35 -34.19
CA VAL A 192 5.55 18.77 -34.33
C VAL A 192 5.63 19.18 -35.84
N ALA A 193 6.70 18.77 -36.55
CA ALA A 193 6.84 19.12 -37.97
C ALA A 193 5.63 18.57 -38.80
N VAL A 194 5.14 17.38 -38.46
CA VAL A 194 3.99 16.79 -39.15
C VAL A 194 2.74 17.59 -38.86
N ALA A 195 2.51 17.96 -37.59
CA ALA A 195 1.35 18.77 -37.23
C ALA A 195 1.40 20.14 -37.93
N VAL A 196 2.58 20.75 -38.03
CA VAL A 196 2.74 22.04 -38.70
C VAL A 196 2.31 21.92 -40.18
N ASP A 197 2.69 20.83 -40.84
CA ASP A 197 2.29 20.60 -42.23
C ASP A 197 0.78 20.39 -42.34
N GLU A 198 0.18 19.67 -41.38
CA GLU A 198 -1.27 19.46 -41.39
C GLU A 198 -1.99 20.78 -41.23
N ILE A 199 -1.49 21.65 -40.33
CA ILE A 199 -2.06 22.97 -40.10
C ILE A 199 -1.94 23.83 -41.36
N ALA A 200 -0.76 23.81 -42.00
CA ALA A 200 -0.53 24.55 -43.25
C ALA A 200 -1.48 24.08 -44.36
N ALA A 201 -1.84 22.78 -44.35
CA ALA A 201 -2.79 22.19 -45.31
C ALA A 201 -4.26 22.53 -44.99
N GLY A 202 -4.51 23.21 -43.86
CA GLY A 202 -5.85 23.63 -43.45
C GLY A 202 -6.65 22.57 -42.72
N ARG A 203 -5.98 21.51 -42.21
CA ARG A 203 -6.70 20.44 -41.52
C ARG A 203 -7.27 20.94 -40.19
N TYR A 204 -6.57 21.88 -39.53
CA TYR A 204 -6.96 22.49 -38.27
C TYR A 204 -6.06 23.69 -38.00
N HIS A 205 -6.35 24.45 -36.94
CA HIS A 205 -5.60 25.65 -36.57
C HIS A 205 -4.52 25.40 -35.52
N LYS A 206 -4.82 24.54 -34.53
CA LYS A 206 -3.88 24.28 -33.45
C LYS A 206 -4.10 22.88 -32.88
N VAL A 207 -3.01 22.22 -32.46
CA VAL A 207 -3.10 20.91 -31.80
C VAL A 207 -2.09 20.92 -30.65
N ILE A 208 -2.44 20.26 -29.56
CA ILE A 208 -1.51 20.14 -28.42
C ILE A 208 -0.88 18.72 -28.48
N LEU A 209 0.44 18.67 -28.66
CA LEU A 209 1.17 17.39 -28.67
C LEU A 209 2.08 17.33 -27.44
N SER A 210 2.47 16.12 -27.03
CA SER A 210 3.25 15.99 -25.79
C SER A 210 4.33 14.90 -25.88
N ARG A 211 5.18 14.81 -24.83
CA ARG A 211 6.18 13.77 -24.74
C ARG A 211 6.36 13.39 -23.29
N CYS A 212 6.77 12.13 -23.04
CA CYS A 212 7.06 11.63 -21.71
C CYS A 212 8.55 11.69 -21.45
N VAL A 213 8.90 11.92 -20.18
CA VAL A 213 10.30 11.91 -19.77
C VAL A 213 10.39 10.92 -18.62
N GLU A 214 11.21 9.90 -18.76
CA GLU A 214 11.39 8.90 -17.71
C GLU A 214 12.15 9.49 -16.52
N VAL A 215 11.79 9.06 -15.32
CA VAL A 215 12.52 9.43 -14.12
C VAL A 215 13.19 8.09 -13.77
N PRO A 216 14.51 7.93 -13.99
CA PRO A 216 15.14 6.60 -13.81
C PRO A 216 15.36 6.14 -12.38
N PHE A 217 14.70 6.76 -11.42
CA PHE A 217 14.80 6.38 -10.02
C PHE A 217 13.43 6.54 -9.40
N ALA A 218 13.16 5.80 -8.33
CA ALA A 218 11.87 5.87 -7.66
C ALA A 218 11.81 7.15 -6.82
N ILE A 219 10.69 7.86 -6.82
CA ILE A 219 10.57 9.10 -6.04
C ILE A 219 9.66 8.89 -4.82
N ASP A 220 9.81 9.76 -3.83
CA ASP A 220 8.92 9.76 -2.67
C ASP A 220 7.83 10.73 -3.10
N PHE A 221 6.59 10.26 -3.34
CA PHE A 221 5.52 11.15 -3.84
C PHE A 221 5.17 12.26 -2.83
N PRO A 222 4.85 11.97 -1.55
CA PRO A 222 4.54 13.08 -0.62
C PRO A 222 5.66 14.10 -0.41
N LEU A 223 6.95 13.66 -0.35
CA LEU A 223 8.06 14.63 -0.18
C LEU A 223 8.25 15.45 -1.45
N THR A 224 8.18 14.80 -2.65
CA THR A 224 8.26 15.54 -3.93
C THR A 224 7.11 16.54 -4.02
N TYR A 225 5.89 16.12 -3.58
CA TYR A 225 4.75 17.04 -3.59
C TYR A 225 5.04 18.30 -2.76
N ARG A 226 5.54 18.11 -1.56
CA ARG A 226 5.85 19.25 -0.68
C ARG A 226 6.89 20.16 -1.30
N LEU A 227 7.99 19.57 -1.86
CA LEU A 227 9.06 20.40 -2.39
C LEU A 227 8.59 21.20 -3.62
N GLY A 228 7.87 20.56 -4.55
CA GLY A 228 7.37 21.29 -5.71
C GLY A 228 6.32 22.33 -5.33
N ARG A 229 5.48 22.03 -4.32
CA ARG A 229 4.39 22.96 -3.92
C ARG A 229 4.89 24.27 -3.38
N ARG A 230 6.01 24.24 -2.62
CA ARG A 230 6.55 25.50 -2.08
C ARG A 230 7.27 26.36 -3.16
N HIS A 231 7.39 25.85 -4.41
CA HIS A 231 7.97 26.63 -5.51
C HIS A 231 7.00 26.86 -6.68
N ASN A 232 5.70 26.63 -6.44
CA ASN A 232 4.68 26.73 -7.46
C ASN A 232 3.45 27.47 -6.94
N THR A 233 2.62 28.00 -7.87
CA THR A 233 1.39 28.70 -7.45
C THR A 233 0.30 28.18 -8.40
N PRO A 234 -0.08 26.91 -8.31
CA PRO A 234 -1.12 26.37 -9.22
C PRO A 234 -2.52 26.78 -8.76
N VAL A 235 -3.51 26.61 -9.62
CA VAL A 235 -4.89 26.94 -9.25
C VAL A 235 -5.49 25.86 -8.31
N ARG A 236 -5.00 24.61 -8.44
CA ARG A 236 -5.36 23.48 -7.58
C ARG A 236 -4.11 22.58 -7.56
N SER A 237 -4.09 21.58 -6.66
CA SER A 237 -3.01 20.61 -6.69
C SER A 237 -3.50 19.32 -6.11
N PHE A 238 -2.75 18.25 -6.37
CA PHE A 238 -3.18 16.94 -5.87
C PHE A 238 -2.00 16.04 -5.61
N LEU A 239 -2.26 15.02 -4.81
CA LEU A 239 -1.31 13.94 -4.49
C LEU A 239 -2.18 12.71 -4.26
N LEU A 240 -1.94 11.62 -4.98
CA LEU A 240 -2.81 10.44 -4.83
C LEU A 240 -2.08 9.13 -4.94
N GLN A 241 -2.71 8.09 -4.41
CA GLN A 241 -2.26 6.71 -4.54
C GLN A 241 -3.61 5.98 -4.67
N LEU A 242 -3.97 5.58 -5.89
CA LEU A 242 -5.31 5.03 -6.12
C LEU A 242 -5.27 3.95 -7.20
N GLY A 243 -5.65 2.75 -6.81
CA GLY A 243 -5.71 1.61 -7.71
C GLY A 243 -4.43 1.36 -8.51
N GLY A 244 -3.31 1.46 -7.84
CA GLY A 244 -2.05 1.17 -8.51
C GLY A 244 -1.41 2.35 -9.21
N ILE A 245 -2.08 3.52 -9.20
CA ILE A 245 -1.45 4.71 -9.78
C ILE A 245 -1.00 5.62 -8.64
N ARG A 246 0.26 6.11 -8.67
CA ARG A 246 0.66 7.18 -7.77
C ARG A 246 0.80 8.39 -8.70
N ALA A 247 0.31 9.53 -8.27
CA ALA A 247 0.44 10.75 -9.07
C ALA A 247 0.42 11.98 -8.19
N LEU A 248 1.02 13.07 -8.69
CA LEU A 248 0.95 14.39 -8.04
C LEU A 248 0.98 15.42 -9.14
N GLY A 249 0.43 16.58 -8.88
CA GLY A 249 0.45 17.65 -9.90
C GLY A 249 0.12 18.99 -9.34
N TYR A 250 0.57 20.03 -10.08
CA TYR A 250 0.33 21.41 -9.74
C TYR A 250 -0.49 21.94 -10.90
N SER A 251 -1.80 21.64 -10.86
CA SER A 251 -2.73 21.91 -11.92
C SER A 251 -2.78 23.41 -12.23
N PRO A 252 -2.44 23.80 -13.47
CA PRO A 252 -2.37 25.23 -13.78
C PRO A 252 -3.70 25.86 -14.20
N GLU A 253 -4.68 25.04 -14.58
CA GLU A 253 -5.91 25.56 -15.16
C GLU A 253 -7.15 24.90 -14.58
N LEU A 254 -8.18 25.71 -14.31
CA LEU A 254 -9.44 25.20 -13.81
C LEU A 254 -10.36 24.93 -14.99
N VAL A 255 -10.71 23.63 -15.19
CA VAL A 255 -11.60 23.26 -16.29
C VAL A 255 -13.04 23.70 -15.98
N THR A 256 -13.54 23.36 -14.77
CA THR A 256 -14.88 23.73 -14.39
C THR A 256 -14.99 23.71 -12.89
N ALA A 257 -15.68 24.68 -12.34
CA ALA A 257 -16.12 24.64 -10.96
C ALA A 257 -17.64 24.94 -11.00
N VAL A 258 -18.45 24.08 -10.43
CA VAL A 258 -19.88 24.29 -10.32
C VAL A 258 -20.15 24.42 -8.81
N ARG A 259 -20.78 25.51 -8.38
CA ARG A 259 -21.10 25.72 -6.96
C ARG A 259 -22.53 25.25 -6.68
N ALA A 260 -22.84 24.98 -5.40
CA ALA A 260 -24.20 24.58 -4.99
C ALA A 260 -25.24 25.62 -5.38
N ASP A 261 -24.87 26.90 -5.43
CA ASP A 261 -25.82 27.96 -5.80
C ASP A 261 -26.04 28.08 -7.33
N GLY A 262 -25.40 27.22 -8.13
CA GLY A 262 -25.61 27.23 -9.56
C GLY A 262 -24.60 28.00 -10.38
N VAL A 263 -23.66 28.71 -9.76
CA VAL A 263 -22.66 29.45 -10.51
C VAL A 263 -21.61 28.49 -11.09
N VAL A 264 -21.33 28.61 -12.38
CA VAL A 264 -20.34 27.78 -13.09
C VAL A 264 -19.16 28.69 -13.46
N ILE A 265 -17.94 28.24 -13.25
CA ILE A 265 -16.74 28.99 -13.57
C ILE A 265 -15.81 28.13 -14.44
N THR A 266 -15.15 28.76 -15.42
CA THR A 266 -14.09 28.10 -16.20
C THR A 266 -13.00 29.13 -16.41
N GLU A 267 -11.75 28.72 -16.42
CA GLU A 267 -10.62 29.63 -16.49
C GLU A 267 -9.59 29.25 -17.55
N PRO A 268 -9.91 29.47 -18.84
CA PRO A 268 -8.96 29.06 -19.90
C PRO A 268 -7.67 29.88 -19.90
N LEU A 269 -6.56 29.21 -20.20
CA LEU A 269 -5.24 29.81 -20.38
C LEU A 269 -4.78 29.69 -21.81
N ALA A 270 -3.92 30.62 -22.28
CA ALA A 270 -3.30 30.54 -23.61
C ALA A 270 -2.02 31.36 -23.58
N GLY A 271 -1.02 30.89 -24.31
CA GLY A 271 0.27 31.57 -24.37
C GLY A 271 1.15 31.19 -23.21
N THR A 272 2.46 31.14 -23.46
CA THR A 272 3.39 30.79 -22.39
C THR A 272 4.69 31.56 -22.57
N ARG A 273 5.20 32.05 -21.48
CA ARG A 273 6.56 32.57 -21.41
C ARG A 273 7.18 31.93 -20.15
N ALA A 274 8.51 31.93 -20.08
CA ALA A 274 9.21 31.42 -18.91
C ALA A 274 8.97 32.35 -17.73
N LEU A 275 9.08 31.77 -16.53
CA LEU A 275 8.96 32.49 -15.26
C LEU A 275 9.99 31.83 -14.33
N GLY A 276 10.45 32.56 -13.35
CA GLY A 276 11.42 32.04 -12.39
C GLY A 276 12.86 32.33 -12.76
N ARG A 277 13.08 33.31 -13.67
CA ARG A 277 14.43 33.71 -14.13
C ARG A 277 14.90 35.04 -13.55
N GLY A 278 14.30 35.44 -12.43
CA GLY A 278 14.66 36.69 -11.76
C GLY A 278 13.70 37.79 -12.18
N PRO A 279 13.64 38.87 -11.39
CA PRO A 279 12.66 39.93 -11.67
C PRO A 279 12.78 40.61 -13.03
N ALA A 280 13.99 40.97 -13.45
CA ALA A 280 14.17 41.69 -14.71
C ALA A 280 13.79 40.85 -15.94
N ILE A 281 14.27 39.60 -16.00
CA ILE A 281 13.98 38.75 -17.15
C ILE A 281 12.50 38.38 -17.14
N ASP A 282 11.91 38.14 -15.93
CA ASP A 282 10.48 37.81 -15.84
C ASP A 282 9.59 38.97 -16.24
N ARG A 283 9.98 40.21 -15.92
CA ARG A 283 9.18 41.38 -16.29
C ARG A 283 9.18 41.57 -17.82
N LEU A 284 10.34 41.37 -18.48
CA LEU A 284 10.40 41.47 -19.94
C LEU A 284 9.52 40.40 -20.58
N ALA A 285 9.53 39.17 -20.00
CA ALA A 285 8.69 38.09 -20.52
C ALA A 285 7.21 38.41 -20.33
N ARG A 286 6.85 39.01 -19.18
CA ARG A 286 5.46 39.37 -18.89
C ARG A 286 4.97 40.45 -19.88
N ASP A 287 5.79 41.49 -20.11
CA ASP A 287 5.40 42.55 -21.06
C ASP A 287 5.28 42.02 -22.49
N ASP A 288 6.12 41.05 -22.85
CA ASP A 288 6.06 40.45 -24.18
C ASP A 288 4.75 39.66 -24.27
N LEU A 289 4.48 38.80 -23.28
CA LEU A 289 3.26 38.00 -23.26
C LEU A 289 1.98 38.87 -23.35
N GLU A 290 1.92 39.97 -22.59
CA GLU A 290 0.74 40.83 -22.61
C GLU A 290 0.55 41.60 -23.91
N SER A 291 1.61 41.78 -24.71
CA SER A 291 1.50 42.60 -25.92
C SER A 291 1.73 41.85 -27.24
N ASN A 292 2.01 40.56 -27.18
CA ASN A 292 2.32 39.78 -28.37
C ASN A 292 1.05 39.41 -29.13
N SER A 293 0.93 39.83 -30.40
CA SER A 293 -0.25 39.53 -31.22
C SER A 293 -0.59 38.06 -31.27
N LYS A 294 0.43 37.21 -31.41
CA LYS A 294 0.22 35.77 -31.53
C LYS A 294 -0.45 35.19 -30.27
N GLU A 295 -0.02 35.62 -29.07
CA GLU A 295 -0.63 35.12 -27.84
C GLU A 295 -2.00 35.71 -27.62
N ILE A 296 -2.18 36.99 -27.97
CA ILE A 296 -3.48 37.65 -27.79
C ILE A 296 -4.53 36.99 -28.66
N VAL A 297 -4.20 36.74 -29.95
CA VAL A 297 -5.17 36.11 -30.83
C VAL A 297 -5.57 34.70 -30.32
N GLU A 298 -4.60 33.90 -29.87
CA GLU A 298 -4.92 32.55 -29.39
C GLU A 298 -5.77 32.62 -28.13
N HIS A 299 -5.48 33.60 -27.24
CA HIS A 299 -6.27 33.75 -26.03
C HIS A 299 -7.73 34.18 -26.36
N ALA A 300 -7.90 35.17 -27.24
CA ALA A 300 -9.23 35.60 -27.66
C ALA A 300 -10.05 34.47 -28.30
N ILE A 301 -9.41 33.66 -29.20
CA ILE A 301 -10.10 32.54 -29.84
C ILE A 301 -10.53 31.52 -28.76
N SER A 302 -9.68 31.30 -27.75
CA SER A 302 -9.98 30.35 -26.70
C SER A 302 -11.14 30.85 -25.80
N VAL A 303 -11.15 32.16 -25.49
CA VAL A 303 -12.23 32.74 -24.69
C VAL A 303 -13.56 32.64 -25.48
N ARG A 304 -13.53 32.95 -26.79
CA ARG A 304 -14.73 32.82 -27.62
C ARG A 304 -15.23 31.35 -27.62
N SER A 305 -14.31 30.39 -27.73
CA SER A 305 -14.66 28.96 -27.69
C SER A 305 -15.32 28.58 -26.34
N SER A 306 -14.78 29.05 -25.20
CA SER A 306 -15.35 28.76 -23.88
C SER A 306 -16.74 29.33 -23.78
N LEU A 307 -16.97 30.56 -24.29
CA LEU A 307 -18.29 31.17 -24.22
C LEU A 307 -19.28 30.40 -25.08
N GLU A 308 -18.87 29.93 -26.26
CA GLU A 308 -19.77 29.12 -27.11
C GLU A 308 -20.15 27.82 -26.36
N GLU A 309 -19.17 27.17 -25.76
CA GLU A 309 -19.43 25.93 -25.01
C GLU A 309 -20.34 26.15 -23.81
N ILE A 310 -20.06 27.17 -23.00
CA ILE A 310 -20.77 27.37 -21.77
C ILE A 310 -22.22 27.80 -22.03
N THR A 311 -22.53 28.44 -23.20
CA THR A 311 -23.92 28.80 -23.48
C THR A 311 -24.81 27.61 -23.62
N ASP A 312 -24.30 26.44 -24.04
CA ASP A 312 -25.11 25.23 -24.16
C ASP A 312 -25.63 24.71 -22.81
N ILE A 313 -25.00 25.08 -21.69
CA ILE A 313 -25.46 24.60 -20.37
C ILE A 313 -25.94 25.73 -19.44
N ALA A 314 -25.87 26.99 -19.87
CA ALA A 314 -26.17 28.11 -19.02
C ALA A 314 -27.56 28.72 -19.21
N GLU A 315 -28.07 29.39 -18.16
CA GLU A 315 -29.29 30.19 -18.26
C GLU A 315 -29.04 31.31 -19.29
N PRO A 316 -29.96 31.52 -20.26
CA PRO A 316 -29.72 32.54 -21.28
C PRO A 316 -29.33 33.89 -20.71
N GLY A 317 -28.31 34.51 -21.27
CA GLY A 317 -27.84 35.82 -20.83
C GLY A 317 -26.98 35.86 -19.58
N SER A 318 -26.61 34.69 -19.03
CA SER A 318 -25.84 34.64 -17.79
C SER A 318 -24.33 34.55 -18.01
N ALA A 319 -23.87 34.22 -19.22
CA ALA A 319 -22.44 34.06 -19.48
C ALA A 319 -21.71 35.38 -19.47
N ALA A 320 -20.54 35.43 -18.82
CA ALA A 320 -19.77 36.67 -18.71
C ALA A 320 -18.29 36.40 -18.49
N VAL A 321 -17.43 37.27 -19.03
CA VAL A 321 -15.99 37.18 -18.78
C VAL A 321 -15.75 38.16 -17.64
N ILE A 322 -15.41 37.67 -16.45
CA ILE A 322 -15.27 38.52 -15.29
C ILE A 322 -13.84 38.97 -15.03
N ASP A 323 -12.87 38.41 -15.73
CA ASP A 323 -11.48 38.82 -15.64
C ASP A 323 -10.94 38.44 -17.02
N PHE A 324 -10.45 39.39 -17.80
CA PHE A 324 -10.07 39.08 -19.18
C PHE A 324 -8.59 39.27 -19.46
N MET A 325 -7.98 38.21 -19.98
CA MET A 325 -6.64 38.20 -20.53
C MET A 325 -5.60 38.84 -19.59
N THR A 326 -5.48 38.32 -18.37
CA THR A 326 -4.49 38.80 -17.42
C THR A 326 -3.46 37.70 -17.21
N VAL A 327 -2.20 38.09 -16.85
CA VAL A 327 -1.15 37.08 -16.66
C VAL A 327 -1.39 36.28 -15.40
N ARG A 328 -1.26 34.95 -15.51
CA ARG A 328 -1.44 33.98 -14.44
C ARG A 328 -0.07 33.31 -14.24
N GLU A 329 0.53 33.49 -13.06
CA GLU A 329 1.86 32.95 -12.80
C GLU A 329 1.78 31.50 -12.32
N ARG A 330 2.55 30.65 -12.96
CA ARG A 330 2.58 29.23 -12.67
C ARG A 330 3.99 28.65 -12.51
N GLY A 331 4.80 29.21 -11.61
CA GLY A 331 6.09 28.63 -11.26
C GLY A 331 7.18 28.77 -12.32
N SER A 332 7.31 27.75 -13.19
CA SER A 332 8.34 27.79 -14.22
C SER A 332 7.86 28.54 -15.49
N VAL A 333 6.55 28.82 -15.57
CA VAL A 333 5.94 29.47 -16.72
C VAL A 333 4.84 30.44 -16.28
N GLN A 334 4.43 31.31 -17.19
CA GLN A 334 3.36 32.27 -16.98
C GLN A 334 2.51 32.27 -18.24
N HIS A 335 1.18 32.40 -18.06
CA HIS A 335 0.24 32.31 -19.19
C HIS A 335 -0.79 33.44 -19.18
N LEU A 336 -1.48 33.69 -20.30
CA LEU A 336 -2.61 34.64 -20.27
C LEU A 336 -3.80 33.81 -19.81
N GLY A 337 -4.65 34.38 -18.94
CA GLY A 337 -5.84 33.68 -18.50
C GLY A 337 -7.07 34.57 -18.43
N SER A 338 -8.26 33.96 -18.54
CA SER A 338 -9.53 34.68 -18.37
C SER A 338 -10.43 33.85 -17.49
N THR A 339 -11.30 34.49 -16.72
CA THR A 339 -12.23 33.80 -15.83
C THR A 339 -13.65 34.04 -16.42
N ILE A 340 -14.31 32.96 -16.79
CA ILE A 340 -15.64 33.01 -17.39
C ILE A 340 -16.64 32.41 -16.39
N ARG A 341 -17.76 33.12 -16.18
CA ARG A 341 -18.82 32.71 -15.26
C ARG A 341 -20.16 32.60 -15.99
N ALA A 342 -21.00 31.63 -15.59
CA ALA A 342 -22.38 31.51 -16.07
C ALA A 342 -23.28 30.93 -14.92
N ARG A 343 -24.59 30.88 -15.10
CA ARG A 343 -25.46 30.20 -14.12
C ARG A 343 -25.95 28.92 -14.79
N LEU A 344 -25.87 27.79 -14.10
CA LEU A 344 -26.27 26.50 -14.62
C LEU A 344 -27.78 26.51 -14.91
N ASP A 345 -28.18 26.17 -16.15
CA ASP A 345 -29.59 26.15 -16.50
C ASP A 345 -30.32 25.04 -15.75
N PRO A 346 -31.59 25.24 -15.36
CA PRO A 346 -32.35 24.15 -14.70
C PRO A 346 -32.42 22.86 -15.55
N SER A 347 -32.35 22.98 -16.90
CA SER A 347 -32.37 21.81 -17.78
C SER A 347 -31.00 21.07 -17.83
N SER A 348 -29.96 21.64 -17.20
CA SER A 348 -28.62 21.05 -17.23
C SER A 348 -28.22 20.47 -15.85
N ASP A 349 -26.99 19.97 -15.72
CA ASP A 349 -26.47 19.46 -14.45
C ASP A 349 -24.96 19.56 -14.43
N ARG A 350 -24.33 19.30 -13.26
CA ARG A 350 -22.87 19.50 -13.16
C ARG A 350 -22.06 18.62 -14.13
N MET A 351 -22.52 17.39 -14.45
CA MET A 351 -21.76 16.55 -15.40
C MET A 351 -21.89 17.07 -16.81
N ALA A 352 -23.07 17.59 -17.18
CA ALA A 352 -23.24 18.20 -18.49
C ALA A 352 -22.37 19.46 -18.59
N ALA A 353 -22.14 20.20 -17.47
CA ALA A 353 -21.25 21.38 -17.50
C ALA A 353 -19.82 20.91 -17.73
N LEU A 354 -19.38 19.85 -17.01
CA LEU A 354 -18.04 19.31 -17.26
C LEU A 354 -17.89 18.82 -18.72
N GLU A 355 -18.90 18.12 -19.22
CA GLU A 355 -18.88 17.60 -20.60
C GLU A 355 -18.86 18.71 -21.63
N ALA A 356 -19.49 19.84 -21.33
CA ALA A 356 -19.48 21.00 -22.24
C ALA A 356 -18.10 21.68 -22.31
N LEU A 357 -17.32 21.61 -21.22
CA LEU A 357 -16.04 22.31 -21.10
C LEU A 357 -14.80 21.45 -21.22
N PHE A 358 -14.99 20.14 -21.36
CA PHE A 358 -13.91 19.16 -21.41
C PHE A 358 -13.90 18.49 -22.79
N PRO A 359 -12.74 18.26 -23.40
CA PRO A 359 -11.41 18.59 -22.88
C PRO A 359 -11.12 20.07 -23.01
N ALA A 360 -10.16 20.57 -22.21
CA ALA A 360 -9.76 21.98 -22.35
C ALA A 360 -9.11 22.19 -23.74
N VAL A 361 -9.13 23.44 -24.28
CA VAL A 361 -8.41 23.74 -25.52
C VAL A 361 -6.90 23.43 -25.36
N THR A 362 -6.30 23.76 -24.18
CA THR A 362 -4.88 23.46 -23.95
C THR A 362 -4.59 21.93 -23.78
N ALA A 363 -5.61 21.09 -23.86
CA ALA A 363 -5.43 19.64 -23.88
C ALA A 363 -5.68 19.11 -25.30
N SER A 364 -6.33 19.88 -26.21
CA SER A 364 -6.80 19.35 -27.47
C SER A 364 -6.32 20.18 -28.66
N GLY A 365 -7.01 21.25 -28.96
CA GLY A 365 -6.63 22.11 -30.08
C GLY A 365 -7.81 22.93 -30.54
N ILE A 366 -7.67 23.52 -31.73
CA ILE A 366 -8.70 24.31 -32.39
C ILE A 366 -8.78 23.90 -33.86
N PRO A 367 -9.96 23.56 -34.38
CA PRO A 367 -11.20 23.26 -33.65
C PRO A 367 -10.94 22.05 -32.72
N LYS A 368 -11.63 21.99 -31.59
CA LYS A 368 -11.37 20.94 -30.60
C LYS A 368 -11.54 19.52 -31.16
N ALA A 369 -12.57 19.31 -31.98
CA ALA A 369 -12.80 17.99 -32.60
C ALA A 369 -11.59 17.54 -33.45
N ALA A 370 -11.04 18.44 -34.27
CA ALA A 370 -9.90 18.13 -35.14
C ALA A 370 -8.62 17.95 -34.32
N GLY A 371 -8.48 18.69 -33.20
CA GLY A 371 -7.34 18.53 -32.33
C GLY A 371 -7.35 17.15 -31.67
N VAL A 372 -8.52 16.71 -31.17
CA VAL A 372 -8.63 15.39 -30.55
C VAL A 372 -8.31 14.29 -31.60
N GLU A 373 -8.84 14.43 -32.82
CA GLU A 373 -8.57 13.46 -33.88
C GLU A 373 -7.06 13.37 -34.19
N ALA A 374 -6.38 14.52 -34.24
CA ALA A 374 -4.94 14.55 -34.53
C ALA A 374 -4.15 13.91 -33.40
N ILE A 375 -4.56 14.10 -32.14
CA ILE A 375 -3.86 13.51 -31.00
C ILE A 375 -3.86 11.99 -31.06
N PHE A 376 -4.96 11.39 -31.56
CA PHE A 376 -5.03 9.93 -31.72
C PHE A 376 -3.90 9.41 -32.67
N ARG A 377 -3.45 10.24 -33.60
CA ARG A 377 -2.44 9.84 -34.59
C ARG A 377 -1.03 10.31 -34.26
N LEU A 378 -0.90 11.50 -33.66
CA LEU A 378 0.38 12.14 -33.47
C LEU A 378 0.90 12.17 -32.04
N ASP A 379 0.12 11.67 -31.06
CA ASP A 379 0.52 11.61 -29.67
C ASP A 379 0.38 10.14 -29.18
N GLU A 380 1.05 9.81 -28.08
CA GLU A 380 0.95 8.49 -27.49
C GLU A 380 -0.41 8.39 -26.77
N CYS A 381 -1.25 7.44 -27.22
CA CYS A 381 -2.59 7.27 -26.67
C CYS A 381 -2.77 5.86 -26.12
N PRO A 382 -3.68 5.65 -25.14
CA PRO A 382 -4.45 6.69 -24.43
C PRO A 382 -3.58 7.54 -23.51
N ARG A 383 -3.94 8.81 -23.36
CA ARG A 383 -3.20 9.70 -22.44
C ARG A 383 -3.49 9.38 -20.98
N GLY A 384 -4.71 8.92 -20.68
CA GLY A 384 -5.06 8.62 -19.29
C GLY A 384 -5.22 9.88 -18.46
N LEU A 385 -4.53 9.95 -17.31
CA LEU A 385 -4.67 11.11 -16.44
C LEU A 385 -4.16 12.37 -17.12
N TYR A 386 -3.04 12.29 -17.86
CA TYR A 386 -2.47 13.49 -18.49
C TYR A 386 -3.45 14.24 -19.41
N SER A 387 -3.60 15.54 -19.14
CA SER A 387 -4.52 16.46 -19.88
C SER A 387 -6.03 16.12 -19.62
N GLY A 388 -6.29 15.21 -18.68
CA GLY A 388 -7.63 14.99 -18.16
C GLY A 388 -7.80 15.90 -16.94
N ALA A 389 -8.59 15.48 -15.96
CA ALA A 389 -8.84 16.29 -14.74
C ALA A 389 -8.82 15.47 -13.47
N VAL A 390 -8.54 16.12 -12.35
CA VAL A 390 -8.69 15.52 -11.02
C VAL A 390 -9.91 16.29 -10.46
N VAL A 391 -10.85 15.56 -9.88
CA VAL A 391 -12.14 16.12 -9.51
C VAL A 391 -12.54 15.91 -8.06
N MET A 392 -13.39 16.83 -7.56
CA MET A 392 -13.98 16.77 -6.24
C MET A 392 -15.46 17.10 -6.40
N LEU A 393 -16.34 16.23 -6.00
CA LEU A 393 -17.80 16.41 -6.15
C LEU A 393 -18.44 16.41 -4.79
N SER A 394 -19.49 17.21 -4.60
CA SER A 394 -20.15 17.27 -3.31
C SER A 394 -21.63 16.93 -3.41
N ALA A 395 -22.20 16.45 -2.30
CA ALA A 395 -23.62 16.06 -2.24
C ALA A 395 -24.56 17.23 -2.52
N ASP A 396 -24.14 18.45 -2.20
CA ASP A 396 -24.97 19.65 -2.50
C ASP A 396 -24.94 20.11 -3.96
N GLY A 397 -24.30 19.35 -4.86
CA GLY A 397 -24.25 19.72 -6.27
C GLY A 397 -22.92 20.26 -6.76
N GLY A 398 -21.97 20.46 -5.84
CA GLY A 398 -20.69 21.03 -6.22
C GLY A 398 -19.86 20.13 -7.12
N LEU A 399 -19.01 20.74 -7.93
CA LEU A 399 -18.05 20.01 -8.75
C LEU A 399 -16.83 20.91 -8.88
N ASP A 400 -15.63 20.37 -8.75
CA ASP A 400 -14.40 21.14 -8.96
C ASP A 400 -13.49 20.26 -9.81
N ALA A 401 -13.06 20.74 -11.00
CA ALA A 401 -12.27 19.92 -11.92
C ALA A 401 -11.04 20.68 -12.40
N ALA A 402 -9.85 20.23 -11.99
CA ALA A 402 -8.57 20.86 -12.29
C ALA A 402 -7.89 20.10 -13.46
N LEU A 403 -7.35 20.82 -14.44
CA LEU A 403 -6.68 20.21 -15.59
C LEU A 403 -5.35 19.58 -15.17
N THR A 404 -5.18 18.29 -15.51
CA THR A 404 -3.98 17.58 -15.14
C THR A 404 -2.82 17.82 -16.09
N LEU A 405 -2.12 18.89 -15.88
CA LEU A 405 -0.86 19.19 -16.54
C LEU A 405 0.15 19.42 -15.39
N ARG A 406 1.46 19.42 -15.67
CA ARG A 406 2.46 19.67 -14.62
C ARG A 406 2.39 18.58 -13.54
N ALA A 407 2.25 17.33 -13.99
CA ALA A 407 2.09 16.18 -13.08
C ALA A 407 3.16 15.12 -13.26
N ALA A 408 3.37 14.29 -12.22
CA ALA A 408 4.28 13.13 -12.23
C ALA A 408 3.45 11.89 -11.94
N TYR A 409 3.85 10.74 -12.51
CA TYR A 409 3.11 9.48 -12.37
C TYR A 409 4.05 8.32 -12.09
N GLN A 410 3.57 7.37 -11.35
CA GLN A 410 4.24 6.08 -11.13
C GLN A 410 3.16 5.00 -11.31
N VAL A 411 3.36 4.08 -12.27
CA VAL A 411 2.46 2.95 -12.53
C VAL A 411 3.34 1.73 -12.87
N GLY A 412 3.13 0.63 -12.14
CA GLY A 412 3.89 -0.59 -12.37
C GLY A 412 5.40 -0.46 -12.41
N GLY A 413 5.98 0.31 -11.48
CA GLY A 413 7.44 0.42 -11.46
C GLY A 413 8.07 1.37 -12.46
N ARG A 414 7.24 2.08 -13.22
CA ARG A 414 7.74 3.10 -14.16
C ARG A 414 7.30 4.47 -13.62
N THR A 415 8.25 5.42 -13.52
CA THR A 415 8.01 6.78 -13.05
C THR A 415 8.28 7.70 -14.21
N TRP A 416 7.35 8.62 -14.47
CA TRP A 416 7.56 9.55 -15.57
C TRP A 416 6.83 10.87 -15.40
N LEU A 417 7.29 11.84 -16.20
CA LEU A 417 6.71 13.18 -16.35
C LEU A 417 6.13 13.28 -17.78
N ARG A 418 5.25 14.24 -18.03
CA ARG A 418 4.69 14.41 -19.37
C ARG A 418 4.34 15.86 -19.58
N ALA A 419 4.82 16.42 -20.68
CA ALA A 419 4.57 17.83 -21.01
C ALA A 419 4.41 18.00 -22.50
N GLY A 420 3.64 19.01 -22.86
CA GLY A 420 3.35 19.30 -24.25
C GLY A 420 3.38 20.76 -24.61
N ALA A 421 2.87 21.05 -25.80
CA ALA A 421 2.86 22.41 -26.32
C ALA A 421 1.78 22.57 -27.36
N GLY A 422 1.26 23.80 -27.44
CA GLY A 422 0.25 24.17 -28.43
C GLY A 422 0.97 24.49 -29.74
N ILE A 423 0.72 23.70 -30.77
CA ILE A 423 1.36 23.88 -32.07
C ILE A 423 0.45 24.60 -33.03
N ILE A 424 0.94 25.69 -33.64
CA ILE A 424 0.21 26.46 -34.63
C ILE A 424 1.03 26.50 -35.95
N GLU A 425 0.52 27.15 -37.00
CA GLU A 425 1.20 27.19 -38.30
C GLU A 425 2.65 27.66 -38.25
N GLU A 426 2.94 28.65 -37.41
CA GLU A 426 4.28 29.23 -37.33
C GLU A 426 5.21 28.52 -36.34
N SER A 427 4.76 27.45 -35.68
CA SER A 427 5.59 26.72 -34.73
C SER A 427 6.85 26.12 -35.34
N GLU A 428 7.93 26.08 -34.57
CA GLU A 428 9.17 25.46 -35.01
C GLU A 428 9.47 24.29 -34.06
N PRO A 429 9.81 23.11 -34.60
CA PRO A 429 10.08 21.94 -33.72
C PRO A 429 11.07 22.18 -32.58
N GLU A 430 12.22 22.84 -32.85
CA GLU A 430 13.22 23.09 -31.82
C GLU A 430 12.68 23.95 -30.69
N ARG A 431 11.98 25.04 -31.04
CA ARG A 431 11.39 25.91 -30.05
C ARG A 431 10.30 25.21 -29.23
N GLU A 432 9.46 24.39 -29.87
CA GLU A 432 8.41 23.67 -29.15
C GLU A 432 9.00 22.64 -28.19
N PHE A 433 10.14 22.03 -28.55
CA PHE A 433 10.79 21.08 -27.65
C PHE A 433 11.31 21.85 -26.41
N GLU A 434 11.92 23.02 -26.62
CA GLU A 434 12.39 23.84 -25.51
C GLU A 434 11.20 24.27 -24.62
N GLU A 435 10.05 24.57 -25.21
CA GLU A 435 8.84 24.92 -24.47
C GLU A 435 8.39 23.78 -23.56
N THR A 436 8.48 22.50 -24.03
CA THR A 436 8.14 21.37 -23.15
C THR A 436 9.13 21.31 -21.97
N CYS A 437 10.42 21.67 -22.19
CA CYS A 437 11.41 21.71 -21.12
C CYS A 437 11.05 22.75 -20.07
N GLU A 438 10.58 23.94 -20.50
CA GLU A 438 10.15 24.98 -19.54
C GLU A 438 8.99 24.47 -18.68
N LYS A 439 8.01 23.78 -19.29
CA LYS A 439 6.88 23.26 -18.53
C LYS A 439 7.34 22.13 -17.60
N LEU A 440 8.30 21.29 -18.06
CA LEU A 440 8.82 20.19 -17.21
C LEU A 440 9.52 20.78 -15.95
N SER A 441 10.10 21.98 -16.07
CA SER A 441 10.80 22.70 -14.98
C SER A 441 9.90 23.02 -13.78
N THR A 442 8.58 22.90 -13.91
CA THR A 442 7.67 23.05 -12.79
C THR A 442 7.98 21.89 -11.76
N LEU A 443 8.47 20.73 -12.25
CA LEU A 443 8.75 19.54 -11.43
C LEU A 443 10.21 19.07 -11.39
N THR A 444 10.94 19.16 -12.53
CA THR A 444 12.31 18.60 -12.61
C THR A 444 13.31 19.08 -11.54
N PRO A 445 13.28 20.31 -10.99
CA PRO A 445 14.25 20.65 -9.90
C PRO A 445 13.82 20.14 -8.53
N TYR A 446 12.64 19.47 -8.43
CA TYR A 446 12.01 19.13 -7.14
C TYR A 446 11.71 17.65 -6.90
N LEU A 447 12.41 16.77 -7.58
CA LEU A 447 12.15 15.34 -7.43
C LEU A 447 12.94 14.77 -6.25
N VAL A 448 12.25 14.26 -5.23
CA VAL A 448 12.89 13.70 -4.07
C VAL A 448 12.95 12.19 -4.25
N ALA A 449 14.14 11.57 -4.27
CA ALA A 449 14.23 10.14 -4.43
C ALA A 449 13.64 9.38 -3.25
N ARG A 450 13.11 8.20 -3.50
CA ARG A 450 12.59 7.36 -2.45
C ARG A 450 13.76 6.84 -1.61
N GLN A 451 13.70 7.01 -0.30
CA GLN A 451 14.77 6.56 0.58
C GLN A 451 14.51 5.14 1.12
N SER B 16 -19.37 -14.43 24.09
CA SER B 16 -20.63 -13.83 24.50
C SER B 16 -21.77 -14.11 23.49
N SER B 17 -21.57 -13.77 22.20
CA SER B 17 -22.56 -14.04 21.14
C SER B 17 -22.10 -15.30 20.35
N SER B 18 -23.02 -15.97 19.63
CA SER B 18 -22.66 -17.20 18.91
C SER B 18 -23.55 -17.40 17.69
N ILE B 19 -22.95 -17.40 16.50
CA ILE B 19 -23.69 -17.54 15.25
C ILE B 19 -23.30 -18.85 14.57
N PRO B 20 -24.26 -19.72 14.20
CA PRO B 20 -23.89 -20.96 13.50
C PRO B 20 -23.15 -20.65 12.20
N MET B 21 -22.13 -21.45 11.88
CA MET B 21 -21.35 -21.26 10.67
C MET B 21 -22.25 -21.52 9.45
N PRO B 22 -22.32 -20.61 8.44
CA PRO B 22 -23.17 -20.88 7.27
C PRO B 22 -22.69 -22.07 6.45
N ALA B 23 -23.64 -22.77 5.83
CA ALA B 23 -23.35 -23.94 5.01
C ALA B 23 -22.42 -23.60 3.84
N GLY B 24 -21.46 -24.47 3.59
CA GLY B 24 -20.53 -24.33 2.49
C GLY B 24 -19.43 -23.30 2.66
N VAL B 25 -19.26 -22.74 3.86
CA VAL B 25 -18.22 -21.76 4.10
C VAL B 25 -17.14 -22.31 5.03
N ASN B 26 -15.88 -22.27 4.60
CA ASN B 26 -14.79 -22.77 5.43
C ASN B 26 -14.34 -21.69 6.40
N PRO B 27 -14.02 -22.06 7.66
CA PRO B 27 -13.62 -21.05 8.64
C PRO B 27 -12.44 -20.18 8.24
N ALA B 28 -11.40 -20.72 7.54
CA ALA B 28 -10.24 -19.87 7.18
C ALA B 28 -10.69 -18.75 6.24
N ASP B 29 -11.63 -19.04 5.32
CA ASP B 29 -12.16 -18.06 4.38
C ASP B 29 -12.99 -17.01 5.06
N LEU B 30 -13.91 -17.41 5.95
CA LEU B 30 -14.74 -16.45 6.67
C LEU B 30 -13.88 -15.58 7.62
N ALA B 31 -12.96 -16.22 8.38
CA ALA B 31 -12.11 -15.43 9.31
C ALA B 31 -11.25 -14.41 8.57
N ALA B 32 -10.61 -14.81 7.43
CA ALA B 32 -9.77 -13.86 6.68
C ALA B 32 -10.62 -12.75 6.06
N GLU B 33 -11.84 -13.09 5.59
CA GLU B 33 -12.74 -12.06 5.04
C GLU B 33 -13.15 -11.07 6.14
N LEU B 34 -13.46 -11.56 7.34
CA LEU B 34 -13.85 -10.74 8.49
C LEU B 34 -12.68 -9.85 8.87
N ALA B 35 -11.46 -10.41 8.88
CA ALA B 35 -10.26 -9.64 9.19
C ALA B 35 -10.06 -8.52 8.20
N ALA B 36 -10.36 -8.76 6.93
CA ALA B 36 -10.22 -7.74 5.89
C ALA B 36 -11.32 -6.68 5.97
N VAL B 37 -12.59 -7.07 6.07
CA VAL B 37 -13.70 -6.13 5.95
C VAL B 37 -14.02 -5.38 7.21
N VAL B 38 -14.14 -6.11 8.33
CA VAL B 38 -14.53 -5.54 9.61
C VAL B 38 -13.48 -4.56 10.08
N THR B 39 -12.21 -4.96 10.01
CA THR B 39 -11.12 -4.14 10.50
C THR B 39 -10.95 -2.90 9.68
N GLU B 40 -11.12 -2.99 8.37
CA GLU B 40 -11.03 -1.81 7.52
C GLU B 40 -12.21 -0.83 7.80
N SER B 41 -13.42 -1.36 8.07
CA SER B 41 -14.60 -0.55 8.39
C SER B 41 -14.45 0.18 9.74
N VAL B 42 -13.98 -0.49 10.76
CA VAL B 42 -13.80 0.10 12.09
C VAL B 42 -12.55 0.99 12.17
N ASP B 43 -11.53 0.71 11.32
CA ASP B 43 -10.23 1.40 11.26
C ASP B 43 -9.32 0.89 12.36
N GLU B 44 -8.97 -0.41 12.29
CA GLU B 44 -8.13 -0.97 13.33
C GLU B 44 -7.14 -2.02 12.82
N ASP B 45 -6.02 -2.10 13.52
CA ASP B 45 -5.03 -3.17 13.32
C ASP B 45 -5.66 -4.50 13.81
N TYR B 46 -4.98 -5.60 13.52
CA TYR B 46 -5.49 -6.91 13.91
C TYR B 46 -4.45 -7.99 13.76
N LEU B 47 -4.74 -9.14 14.35
CA LEU B 47 -3.95 -10.34 14.19
C LEU B 47 -4.91 -11.53 14.20
N LEU B 48 -4.86 -12.34 13.15
CA LEU B 48 -5.69 -13.52 13.03
C LEU B 48 -4.76 -14.72 13.29
N TYR B 49 -5.11 -15.58 14.26
CA TYR B 49 -4.27 -16.73 14.61
C TYR B 49 -5.10 -18.01 14.56
N GLU B 50 -4.62 -19.01 13.80
CA GLU B 50 -5.30 -20.30 13.69
C GLU B 50 -4.60 -21.25 14.63
N CYS B 51 -5.38 -21.84 15.55
CA CYS B 51 -4.83 -22.76 16.52
C CYS B 51 -5.85 -23.89 16.77
N ASP B 52 -5.54 -25.11 16.31
CA ASP B 52 -6.36 -26.29 16.52
C ASP B 52 -7.84 -26.15 16.11
N GLY B 53 -8.08 -25.70 14.87
CA GLY B 53 -9.45 -25.59 14.36
C GLY B 53 -10.19 -24.32 14.74
N GLN B 54 -9.56 -23.43 15.50
CA GLN B 54 -10.18 -22.15 15.84
C GLN B 54 -9.36 -21.06 15.18
N TRP B 55 -10.03 -20.15 14.48
CA TRP B 55 -9.37 -18.99 13.88
C TRP B 55 -9.77 -17.85 14.79
N VAL B 56 -8.82 -17.28 15.54
CA VAL B 56 -9.12 -16.21 16.47
C VAL B 56 -8.68 -14.90 15.86
N LEU B 57 -9.64 -14.03 15.62
CA LEU B 57 -9.35 -12.70 15.08
C LEU B 57 -9.29 -11.76 16.27
N ALA B 58 -8.11 -11.24 16.56
CA ALA B 58 -7.89 -10.27 17.64
C ALA B 58 -7.93 -8.92 16.96
N ALA B 59 -9.03 -8.19 17.12
CA ALA B 59 -9.30 -6.94 16.40
C ALA B 59 -9.19 -5.71 17.29
N GLY B 60 -8.42 -4.72 16.82
CA GLY B 60 -8.24 -3.48 17.53
C GLY B 60 -7.20 -3.59 18.63
N VAL B 61 -6.59 -2.47 19.02
CA VAL B 61 -5.55 -2.50 20.05
C VAL B 61 -6.04 -1.77 21.29
N GLN B 62 -6.27 -2.50 22.37
CA GLN B 62 -6.66 -1.87 23.63
C GLN B 62 -5.38 -1.34 24.30
N ALA B 63 -4.30 -2.16 24.33
CA ALA B 63 -3.01 -1.78 24.88
C ALA B 63 -1.92 -2.55 24.14
N MET B 64 -0.76 -1.93 23.96
CA MET B 64 0.34 -2.57 23.22
C MET B 64 1.60 -2.55 24.06
N VAL B 65 2.27 -3.73 24.16
CA VAL B 65 3.56 -3.87 24.82
C VAL B 65 4.62 -3.94 23.71
N GLU B 66 5.60 -3.05 23.76
CA GLU B 66 6.71 -3.06 22.80
C GLU B 66 7.99 -3.33 23.56
N LEU B 67 8.59 -4.51 23.37
CA LEU B 67 9.85 -4.80 24.02
C LEU B 67 10.94 -4.61 22.96
N ASP B 68 11.89 -3.74 23.25
CA ASP B 68 13.05 -3.49 22.42
C ASP B 68 14.31 -3.91 23.21
N SER B 69 15.46 -3.98 22.52
CA SER B 69 16.69 -4.40 23.20
C SER B 69 17.09 -3.49 24.38
N ASP B 70 16.68 -2.23 24.32
CA ASP B 70 17.08 -1.23 25.31
C ASP B 70 15.94 -0.56 26.05
N GLU B 71 14.70 -0.96 25.82
CA GLU B 71 13.57 -0.30 26.45
C GLU B 71 12.33 -1.16 26.36
N LEU B 72 11.40 -0.95 27.29
CA LEU B 72 10.08 -1.57 27.26
C LEU B 72 9.05 -0.41 27.25
N ARG B 73 8.06 -0.43 26.36
CA ARG B 73 7.03 0.59 26.33
C ARG B 73 5.67 -0.09 26.39
N VAL B 74 4.74 0.51 27.12
CA VAL B 74 3.37 0.04 27.11
C VAL B 74 2.55 1.27 26.70
N ILE B 75 1.84 1.15 25.57
CA ILE B 75 1.03 2.22 24.99
C ILE B 75 -0.45 1.92 25.14
N ARG B 76 -1.20 2.82 25.76
CA ARG B 76 -2.61 2.65 25.97
C ARG B 76 -3.27 4.00 25.87
N ASP B 77 -4.29 4.11 25.01
CA ASP B 77 -5.05 5.36 24.81
C ASP B 77 -4.17 6.59 24.58
N GLY B 78 -3.18 6.45 23.70
CA GLY B 78 -2.31 7.57 23.35
C GLY B 78 -1.27 7.92 24.38
N VAL B 79 -1.16 7.13 25.46
CA VAL B 79 -0.18 7.42 26.49
C VAL B 79 0.90 6.34 26.40
N THR B 80 2.17 6.73 26.28
CA THR B 80 3.27 5.77 26.27
C THR B 80 4.04 5.84 27.61
N ARG B 81 4.10 4.71 28.30
CA ARG B 81 4.80 4.56 29.56
C ARG B 81 6.07 3.74 29.28
N ARG B 82 7.26 4.37 29.43
CA ARG B 82 8.54 3.73 29.08
C ARG B 82 9.33 3.28 30.30
N GLN B 83 9.99 2.15 30.21
CA GLN B 83 10.81 1.65 31.30
C GLN B 83 12.08 1.01 30.79
N GLN B 84 13.13 1.14 31.57
CA GLN B 84 14.36 0.42 31.30
C GLN B 84 14.14 -0.98 31.84
N TRP B 85 14.82 -1.96 31.26
CA TRP B 85 14.72 -3.34 31.77
C TRP B 85 16.08 -4.00 31.81
N SER B 86 16.22 -4.95 32.70
CA SER B 86 17.45 -5.72 32.82
C SER B 86 17.11 -7.21 33.06
N GLY B 87 18.11 -8.08 33.00
CA GLY B 87 17.88 -9.50 33.16
C GLY B 87 17.34 -10.10 31.87
N ARG B 88 16.49 -11.09 32.01
CA ARG B 88 15.98 -11.84 30.88
C ARG B 88 14.84 -11.13 30.14
N PRO B 89 14.88 -11.13 28.80
CA PRO B 89 13.81 -10.44 28.03
C PRO B 89 12.43 -11.06 28.28
N GLY B 90 12.39 -12.35 28.56
CA GLY B 90 11.13 -13.03 28.86
C GLY B 90 10.49 -12.55 30.15
N ALA B 91 11.28 -12.18 31.17
CA ALA B 91 10.70 -11.68 32.42
C ALA B 91 10.11 -10.28 32.23
N ALA B 92 10.78 -9.44 31.42
CA ALA B 92 10.31 -8.06 31.15
C ALA B 92 9.00 -8.14 30.37
N LEU B 93 8.96 -8.98 29.32
CA LEU B 93 7.77 -9.16 28.50
C LEU B 93 6.63 -9.78 29.32
N GLY B 94 6.95 -10.81 30.09
CA GLY B 94 5.97 -11.52 30.91
C GLY B 94 5.29 -10.62 31.93
N GLU B 95 6.05 -9.76 32.61
CA GLU B 95 5.45 -8.88 33.61
C GLU B 95 4.45 -7.90 32.95
N ALA B 96 4.80 -7.38 31.76
CA ALA B 96 3.92 -6.42 31.08
C ALA B 96 2.69 -7.15 30.53
N VAL B 97 2.91 -8.35 29.93
CA VAL B 97 1.79 -9.10 29.36
C VAL B 97 0.85 -9.62 30.44
N ASP B 98 1.36 -10.06 31.59
CA ASP B 98 0.50 -10.51 32.70
C ASP B 98 -0.45 -9.37 33.14
N ARG B 99 0.07 -8.13 33.14
CA ARG B 99 -0.69 -6.96 33.45
C ARG B 99 -1.82 -6.73 32.42
N LEU B 100 -1.54 -6.94 31.11
CA LEU B 100 -2.57 -6.81 30.08
C LEU B 100 -3.69 -7.86 30.34
N LEU B 101 -3.30 -9.06 30.74
CA LEU B 101 -4.23 -10.16 30.94
C LEU B 101 -5.05 -10.07 32.22
N LEU B 102 -4.79 -9.10 33.10
CA LEU B 102 -5.67 -8.91 34.27
C LEU B 102 -7.04 -8.38 33.80
N GLU B 103 -7.11 -7.68 32.64
CA GLU B 103 -8.29 -7.02 32.07
C GLU B 103 -8.95 -7.80 30.95
N THR B 104 -8.13 -8.49 30.15
CA THR B 104 -8.56 -9.20 28.96
C THR B 104 -8.16 -10.68 29.05
N ASP B 105 -8.90 -11.56 28.41
CA ASP B 105 -8.62 -13.00 28.45
C ASP B 105 -7.42 -13.45 27.61
N GLN B 106 -7.12 -12.74 26.50
CA GLN B 106 -6.02 -13.15 25.62
C GLN B 106 -5.26 -11.96 25.07
N ALA B 107 -4.01 -12.20 24.76
CA ALA B 107 -3.10 -11.24 24.15
C ALA B 107 -2.38 -11.94 23.00
N PHE B 108 -2.01 -11.18 21.98
CA PHE B 108 -1.47 -11.75 20.74
C PHE B 108 -0.31 -10.93 20.27
N GLY B 109 0.55 -11.50 19.43
CA GLY B 109 1.62 -10.69 18.83
C GLY B 109 2.72 -11.52 18.23
N TRP B 110 3.91 -10.94 18.19
CA TRP B 110 5.06 -11.61 17.60
C TRP B 110 6.32 -11.40 18.44
N VAL B 111 7.24 -12.34 18.33
CA VAL B 111 8.52 -12.31 19.01
C VAL B 111 9.56 -12.42 17.92
N ALA B 112 10.53 -11.49 17.89
CA ALA B 112 11.56 -11.47 16.87
C ALA B 112 12.54 -12.60 17.10
N PHE B 113 13.31 -12.98 16.06
CA PHE B 113 14.44 -13.92 16.24
C PHE B 113 15.42 -13.37 17.33
N GLU B 114 15.62 -12.03 17.33
CA GLU B 114 16.56 -11.35 18.26
C GLU B 114 16.21 -11.52 19.74
N PHE B 115 14.95 -11.88 20.05
CA PHE B 115 14.58 -12.19 21.44
C PHE B 115 15.40 -13.41 21.97
N GLY B 116 15.81 -14.31 21.07
CA GLY B 116 16.52 -15.52 21.48
C GLY B 116 18.04 -15.42 21.64
N VAL B 117 18.67 -14.24 21.36
CA VAL B 117 20.15 -14.17 21.45
C VAL B 117 20.67 -14.03 22.92
N HIS B 118 19.85 -13.46 23.80
CA HIS B 118 20.24 -13.17 25.19
C HIS B 118 20.66 -14.40 25.96
N ARG B 119 19.96 -15.50 25.73
CA ARG B 119 20.29 -16.75 26.45
C ARG B 119 21.69 -17.26 26.13
N TYR B 120 22.27 -16.84 24.99
CA TYR B 120 23.61 -17.27 24.60
C TYR B 120 24.70 -16.25 24.88
N GLY B 121 24.38 -15.20 25.63
CA GLY B 121 25.38 -14.21 26.03
C GLY B 121 25.69 -13.24 24.90
N LEU B 122 24.86 -13.23 23.86
CA LEU B 122 25.10 -12.43 22.66
C LEU B 122 24.40 -11.09 22.59
N GLN B 123 23.76 -10.63 23.67
CA GLN B 123 22.96 -9.39 23.58
C GLN B 123 23.71 -8.15 23.14
N GLN B 124 25.05 -8.09 23.42
CA GLN B 124 25.85 -6.92 23.04
C GLN B 124 25.96 -6.76 21.51
N ARG B 125 25.69 -7.82 20.74
CA ARG B 125 25.72 -7.75 19.28
C ARG B 125 24.48 -7.02 18.71
N LEU B 126 23.42 -6.79 19.50
CA LEU B 126 22.22 -6.12 19.02
C LEU B 126 22.41 -4.63 18.97
N ALA B 127 22.01 -3.99 17.86
CA ALA B 127 22.11 -2.54 17.69
C ALA B 127 21.09 -1.87 18.64
N PRO B 128 21.26 -0.58 18.98
CA PRO B 128 20.24 0.09 19.80
C PRO B 128 18.85 0.03 19.16
N HIS B 129 17.80 -0.01 19.98
CA HIS B 129 16.40 -0.01 19.52
C HIS B 129 16.02 -1.23 18.68
N THR B 130 16.70 -2.36 18.85
CA THR B 130 16.34 -3.57 18.10
C THR B 130 15.01 -4.12 18.63
N PRO B 131 13.97 -4.30 17.79
CA PRO B 131 12.71 -4.90 18.30
C PRO B 131 12.86 -6.35 18.78
N LEU B 132 12.28 -6.68 19.94
CA LEU B 132 12.32 -8.04 20.44
C LEU B 132 10.92 -8.69 20.42
N ALA B 133 9.88 -7.91 20.72
CA ALA B 133 8.51 -8.45 20.74
C ALA B 133 7.49 -7.33 20.65
N ARG B 134 6.28 -7.66 20.16
CA ARG B 134 5.15 -6.73 20.10
C ARG B 134 3.94 -7.57 20.49
N VAL B 135 3.33 -7.29 21.65
CA VAL B 135 2.19 -8.09 22.11
C VAL B 135 1.08 -7.16 22.52
N PHE B 136 -0.15 -7.37 22.01
CA PHE B 136 -1.24 -6.49 22.36
C PHE B 136 -2.46 -7.20 22.92
N SER B 137 -3.27 -6.47 23.67
CA SER B 137 -4.58 -6.97 24.08
C SER B 137 -5.58 -6.34 23.11
N PRO B 138 -6.46 -7.16 22.53
CA PRO B 138 -7.41 -6.66 21.54
C PRO B 138 -8.64 -6.01 22.14
N ARG B 139 -9.30 -5.16 21.37
CA ARG B 139 -10.55 -4.57 21.84
C ARG B 139 -11.67 -5.58 21.69
N THR B 140 -11.63 -6.43 20.64
CA THR B 140 -12.62 -7.43 20.32
C THR B 140 -11.97 -8.73 19.82
N ARG B 141 -12.62 -9.87 20.05
CA ARG B 141 -12.13 -11.14 19.51
C ARG B 141 -13.29 -11.85 18.83
N ILE B 142 -13.05 -12.36 17.64
CA ILE B 142 -14.04 -13.15 16.94
C ILE B 142 -13.40 -14.52 16.71
N MET B 143 -14.05 -15.59 17.21
CA MET B 143 -13.52 -16.93 17.01
C MET B 143 -14.34 -17.66 15.98
N VAL B 144 -13.69 -18.16 14.95
CA VAL B 144 -14.36 -18.87 13.87
C VAL B 144 -13.90 -20.32 13.81
N SER B 145 -14.87 -21.24 13.78
CA SER B 145 -14.54 -22.66 13.65
C SER B 145 -15.58 -23.32 12.71
N GLU B 146 -15.46 -24.63 12.42
CA GLU B 146 -16.43 -25.32 11.56
C GLU B 146 -17.86 -25.27 12.15
N LYS B 147 -17.96 -25.18 13.47
CA LYS B 147 -19.24 -25.17 14.15
C LYS B 147 -19.92 -23.79 14.28
N GLU B 148 -19.17 -22.76 14.72
CA GLU B 148 -19.78 -21.46 14.99
C GLU B 148 -18.81 -20.28 14.91
N ILE B 149 -19.37 -19.06 14.98
CA ILE B 149 -18.68 -17.79 15.07
C ILE B 149 -19.02 -17.27 16.47
N ARG B 150 -18.01 -17.12 17.32
CA ARG B 150 -18.23 -16.61 18.68
C ARG B 150 -17.67 -15.21 18.79
N LEU B 151 -18.47 -14.32 19.35
CA LEU B 151 -18.07 -12.93 19.49
C LEU B 151 -17.76 -12.56 20.92
N PHE B 152 -16.64 -11.90 21.13
CA PHE B 152 -16.26 -11.46 22.47
C PHE B 152 -15.99 -9.96 22.48
N ASP B 153 -16.75 -9.23 23.31
CA ASP B 153 -16.62 -7.76 23.42
C ASP B 153 -16.81 -7.06 22.07
N ALA B 154 -17.76 -7.53 21.26
CA ALA B 154 -18.01 -6.94 19.96
C ALA B 154 -19.09 -5.89 20.08
N GLY B 155 -18.70 -4.64 19.79
CA GLY B 155 -19.65 -3.53 19.80
C GLY B 155 -20.48 -3.52 18.52
N ILE B 156 -21.39 -2.55 18.41
CA ILE B 156 -22.31 -2.50 17.28
C ILE B 156 -21.62 -2.51 15.89
N ARG B 157 -20.49 -1.81 15.68
CA ARG B 157 -19.81 -1.81 14.39
C ARG B 157 -19.30 -3.17 13.98
N HIS B 158 -18.72 -3.91 14.92
CA HIS B 158 -18.21 -5.24 14.63
C HIS B 158 -19.38 -6.20 14.39
N ARG B 159 -20.45 -6.11 15.18
CA ARG B 159 -21.61 -6.97 14.98
C ARG B 159 -22.24 -6.72 13.62
N GLU B 160 -22.40 -5.46 13.22
CA GLU B 160 -22.98 -5.16 11.91
C GLU B 160 -22.07 -5.59 10.73
N ALA B 161 -20.74 -5.55 10.92
CA ALA B 161 -19.81 -5.98 9.88
C ALA B 161 -19.92 -7.51 9.65
N ILE B 162 -20.07 -8.29 10.73
CA ILE B 162 -20.24 -9.73 10.60
C ILE B 162 -21.56 -10.03 9.90
N ASP B 163 -22.64 -9.29 10.25
CA ASP B 163 -23.95 -9.46 9.63
C ASP B 163 -23.88 -9.16 8.14
N ARG B 164 -23.15 -8.10 7.76
CA ARG B 164 -23.01 -7.73 6.36
C ARG B 164 -22.23 -8.78 5.58
N LEU B 165 -21.16 -9.33 6.18
CA LEU B 165 -20.35 -10.37 5.54
C LEU B 165 -21.17 -11.64 5.38
N LEU B 166 -21.94 -12.05 6.40
CA LEU B 166 -22.79 -13.24 6.28
C LEU B 166 -23.85 -13.06 5.20
N ALA B 167 -24.35 -11.83 5.02
CA ALA B 167 -25.35 -11.55 3.99
C ALA B 167 -24.76 -11.58 2.59
N THR B 168 -23.57 -11.01 2.40
CA THR B 168 -22.97 -10.98 1.07
C THR B 168 -22.20 -12.24 0.69
N GLY B 169 -21.69 -12.94 1.68
CA GLY B 169 -20.82 -14.10 1.44
C GLY B 169 -19.39 -13.64 1.23
N VAL B 170 -18.46 -14.59 1.18
CA VAL B 170 -17.06 -14.30 0.98
C VAL B 170 -16.75 -13.98 -0.48
N ARG B 171 -15.74 -13.16 -0.72
CA ARG B 171 -15.32 -12.81 -2.08
C ARG B 171 -14.70 -14.02 -2.77
N GLU B 172 -14.81 -14.07 -4.08
CA GLU B 172 -14.14 -15.08 -4.89
C GLU B 172 -12.66 -14.68 -4.89
N VAL B 173 -11.75 -15.64 -4.69
CA VAL B 173 -10.32 -15.33 -4.72
C VAL B 173 -9.85 -15.13 -6.14
N PRO B 174 -9.26 -13.97 -6.46
CA PRO B 174 -8.76 -13.76 -7.83
C PRO B 174 -7.60 -14.69 -8.19
N GLN B 175 -7.25 -14.74 -9.49
CA GLN B 175 -6.10 -15.54 -9.91
C GLN B 175 -4.82 -14.92 -9.36
N SER B 176 -3.82 -15.76 -9.07
CA SER B 176 -2.56 -15.31 -8.50
C SER B 176 -1.60 -14.76 -9.57
N ARG B 177 -0.54 -14.06 -9.13
CA ARG B 177 0.47 -13.50 -10.02
C ARG B 177 1.82 -14.06 -9.65
N SER B 178 2.55 -14.55 -10.66
CA SER B 178 3.85 -15.18 -10.42
C SER B 178 4.99 -14.24 -10.02
N VAL B 179 6.00 -14.79 -9.36
CA VAL B 179 7.20 -14.09 -8.95
C VAL B 179 8.45 -14.93 -9.32
N ASP B 180 9.53 -14.26 -9.72
CA ASP B 180 10.78 -14.91 -10.04
C ASP B 180 11.62 -15.06 -8.75
N VAL B 181 11.96 -16.29 -8.36
CA VAL B 181 12.80 -16.53 -7.18
C VAL B 181 14.25 -16.93 -7.54
N SER B 182 14.60 -16.97 -8.83
CA SER B 182 15.91 -17.45 -9.29
C SER B 182 17.10 -16.51 -9.05
N ASP B 183 16.87 -15.21 -8.81
CA ASP B 183 17.98 -14.27 -8.61
C ASP B 183 18.63 -14.47 -7.23
N ASP B 184 19.93 -14.17 -7.12
CA ASP B 184 20.64 -14.30 -5.84
C ASP B 184 21.38 -12.98 -5.48
N PRO B 185 20.64 -11.86 -5.26
CA PRO B 185 21.32 -10.59 -4.99
C PRO B 185 22.07 -10.50 -3.67
N SER B 186 21.70 -11.34 -2.70
CA SER B 186 22.36 -11.35 -1.40
C SER B 186 23.49 -12.37 -1.23
N GLY B 187 23.85 -13.05 -2.32
CA GLY B 187 24.95 -13.99 -2.29
C GLY B 187 24.74 -15.18 -1.41
N PHE B 188 23.51 -15.73 -1.38
CA PHE B 188 23.22 -16.93 -0.61
C PHE B 188 24.19 -18.09 -0.92
N ARG B 189 24.49 -18.32 -2.19
CA ARG B 189 25.39 -19.42 -2.58
C ARG B 189 26.78 -19.20 -2.00
N ARG B 190 27.28 -17.96 -2.05
CA ARG B 190 28.58 -17.65 -1.48
C ARG B 190 28.57 -17.79 0.06
N ARG B 191 27.47 -17.35 0.73
CA ARG B 191 27.36 -17.41 2.19
C ARG B 191 27.24 -18.87 2.67
N VAL B 192 26.63 -19.76 1.86
CA VAL B 192 26.58 -21.18 2.18
C VAL B 192 28.01 -21.75 2.10
N ALA B 193 28.78 -21.39 1.06
CA ALA B 193 30.16 -21.89 0.94
C ALA B 193 31.04 -21.46 2.14
N VAL B 194 30.82 -20.26 2.68
CA VAL B 194 31.55 -19.78 3.86
C VAL B 194 31.17 -20.60 5.08
N ALA B 195 29.85 -20.83 5.29
CA ALA B 195 29.41 -21.64 6.42
C ALA B 195 29.94 -23.05 6.32
N VAL B 196 29.95 -23.64 5.12
CA VAL B 196 30.50 -24.99 4.90
C VAL B 196 31.96 -25.07 5.36
N ASP B 197 32.76 -24.05 5.01
CA ASP B 197 34.15 -24.01 5.44
C ASP B 197 34.28 -23.86 6.96
N GLU B 198 33.40 -23.07 7.58
CA GLU B 198 33.44 -22.92 9.04
C GLU B 198 33.09 -24.25 9.72
N ILE B 199 32.11 -24.98 9.16
CA ILE B 199 31.72 -26.27 9.68
C ILE B 199 32.88 -27.27 9.52
N ALA B 200 33.52 -27.29 8.33
CA ALA B 200 34.67 -28.16 8.09
C ALA B 200 35.82 -27.88 9.06
N ALA B 201 35.98 -26.62 9.49
CA ALA B 201 36.99 -26.20 10.48
C ALA B 201 36.59 -26.56 11.94
N GLY B 202 35.37 -27.08 12.14
CA GLY B 202 34.89 -27.52 13.44
C GLY B 202 34.29 -26.43 14.29
N ARG B 203 33.93 -25.28 13.68
CA ARG B 203 33.36 -24.17 14.44
C ARG B 203 31.96 -24.53 14.98
N TYR B 204 31.20 -25.32 14.22
CA TYR B 204 29.86 -25.79 14.58
C TYR B 204 29.45 -26.90 13.60
N HIS B 205 28.28 -27.51 13.84
CA HIS B 205 27.78 -28.62 13.06
C HIS B 205 26.79 -28.18 11.98
N LYS B 206 25.93 -27.20 12.32
CA LYS B 206 24.91 -26.77 11.39
C LYS B 206 24.51 -25.33 11.65
N VAL B 207 24.19 -24.59 10.58
CA VAL B 207 23.71 -23.22 10.72
C VAL B 207 22.59 -23.04 9.70
N ILE B 208 21.55 -22.30 10.07
CA ILE B 208 20.44 -22.02 9.16
C ILE B 208 20.68 -20.63 8.55
N LEU B 209 20.89 -20.58 7.24
CA LEU B 209 21.07 -19.31 6.52
C LEU B 209 19.86 -19.09 5.63
N SER B 210 19.59 -17.85 5.26
CA SER B 210 18.37 -17.55 4.51
C SER B 210 18.61 -16.47 3.46
N ARG B 211 17.59 -16.23 2.63
CA ARG B 211 17.63 -15.16 1.64
C ARG B 211 16.23 -14.60 1.50
N CYS B 212 16.15 -13.32 1.15
CA CYS B 212 14.91 -12.63 0.88
C CYS B 212 14.65 -12.65 -0.62
N VAL B 213 13.37 -12.71 -0.99
CA VAL B 213 12.97 -12.59 -2.38
C VAL B 213 11.96 -11.46 -2.43
N GLU B 214 12.25 -10.42 -3.21
CA GLU B 214 11.34 -9.30 -3.34
C GLU B 214 10.11 -9.70 -4.14
N VAL B 215 8.96 -9.17 -3.75
CA VAL B 215 7.74 -9.35 -4.53
C VAL B 215 7.55 -7.97 -5.17
N PRO B 216 7.81 -7.82 -6.49
CA PRO B 216 7.79 -6.48 -7.08
C PRO B 216 6.44 -5.84 -7.33
N PHE B 217 5.41 -6.35 -6.70
CA PHE B 217 4.06 -5.79 -6.82
C PHE B 217 3.41 -5.91 -5.43
N ALA B 218 2.45 -5.06 -5.16
CA ALA B 218 1.76 -5.06 -3.89
C ALA B 218 0.74 -6.22 -3.88
N ILE B 219 0.68 -6.97 -2.78
CA ILE B 219 -0.26 -8.08 -2.69
C ILE B 219 -1.42 -7.75 -1.75
N ASP B 220 -2.52 -8.49 -1.90
CA ASP B 220 -3.65 -8.38 -1.00
C ASP B 220 -3.36 -9.44 0.05
N PHE B 221 -3.06 -9.05 1.30
CA PHE B 221 -2.70 -10.03 2.33
C PHE B 221 -3.84 -10.99 2.69
N PRO B 222 -5.07 -10.55 3.01
CA PRO B 222 -6.14 -11.52 3.34
C PRO B 222 -6.49 -12.48 2.19
N LEU B 223 -6.51 -11.99 0.92
CA LEU B 223 -6.81 -12.89 -0.21
C LEU B 223 -5.66 -13.88 -0.43
N THR B 224 -4.40 -13.41 -0.35
CA THR B 224 -3.24 -14.31 -0.46
C THR B 224 -3.28 -15.35 0.65
N TYR B 225 -3.64 -14.91 1.88
CA TYR B 225 -3.78 -15.84 3.00
C TYR B 225 -4.79 -16.97 2.68
N ARG B 226 -5.96 -16.60 2.18
CA ARG B 226 -7.00 -17.57 1.84
C ARG B 226 -6.53 -18.55 0.77
N LEU B 227 -5.89 -18.02 -0.29
CA LEU B 227 -5.44 -18.88 -1.39
C LEU B 227 -4.34 -19.86 -0.95
N GLY B 228 -3.35 -19.38 -0.21
CA GLY B 228 -2.29 -20.26 0.28
C GLY B 228 -2.80 -21.25 1.29
N ARG B 229 -3.77 -20.86 2.13
CA ARG B 229 -4.28 -21.75 3.19
C ARG B 229 -5.01 -22.98 2.65
N ARG B 230 -5.73 -22.83 1.53
CA ARG B 230 -6.41 -23.99 0.95
C ARG B 230 -5.44 -24.97 0.24
N HIS B 231 -4.13 -24.62 0.15
CA HIS B 231 -3.12 -25.51 -0.44
C HIS B 231 -1.99 -25.86 0.56
N ASN B 232 -2.22 -25.63 1.86
CA ASN B 232 -1.21 -25.89 2.89
C ASN B 232 -1.83 -26.60 4.10
N THR B 233 -1.00 -27.24 4.92
CA THR B 233 -1.49 -27.90 6.15
C THR B 233 -0.53 -27.55 7.26
N PRO B 234 -0.48 -26.27 7.66
CA PRO B 234 0.51 -25.88 8.70
C PRO B 234 0.04 -26.27 10.08
N VAL B 235 0.95 -26.24 11.08
CA VAL B 235 0.55 -26.54 12.46
C VAL B 235 -0.24 -25.35 13.06
N ARG B 236 0.04 -24.14 12.60
CA ARG B 236 -0.66 -22.89 12.97
C ARG B 236 -0.57 -22.00 11.74
N SER B 237 -1.33 -20.92 11.73
CA SER B 237 -1.19 -19.93 10.65
C SER B 237 -1.59 -18.59 11.17
N PHE B 238 -1.19 -17.54 10.45
CA PHE B 238 -1.53 -16.19 10.91
C PHE B 238 -1.66 -15.23 9.75
N LEU B 239 -2.32 -14.11 10.03
CA LEU B 239 -2.53 -13.01 9.09
C LEU B 239 -2.63 -11.77 9.98
N LEU B 240 -1.81 -10.74 9.73
CA LEU B 240 -1.84 -9.56 10.61
C LEU B 240 -1.57 -8.27 9.89
N GLN B 241 -2.02 -7.18 10.50
CA GLN B 241 -1.70 -5.83 10.10
C GLN B 241 -1.51 -5.15 11.46
N LEU B 242 -0.25 -4.86 11.83
CA LEU B 242 0.02 -4.36 13.18
C LEU B 242 1.22 -3.43 13.18
N GLY B 243 1.01 -2.20 13.61
CA GLY B 243 2.10 -1.24 13.73
C GLY B 243 2.85 -0.98 12.44
N GLY B 244 2.14 -0.96 11.31
CA GLY B 244 2.76 -0.70 10.01
C GLY B 244 3.34 -1.92 9.31
N ILE B 245 3.20 -3.12 9.92
CA ILE B 245 3.65 -4.33 9.31
C ILE B 245 2.44 -5.11 8.82
N ARG B 246 2.46 -5.63 7.58
CA ARG B 246 1.47 -6.64 7.19
C ARG B 246 2.30 -7.94 7.10
N ALA B 247 1.72 -9.04 7.56
CA ALA B 247 2.41 -10.33 7.44
C ALA B 247 1.40 -11.47 7.41
N LEU B 248 1.78 -12.60 6.81
CA LEU B 248 0.97 -13.81 6.86
C LEU B 248 1.93 -15.00 6.82
N GLY B 249 1.51 -16.13 7.31
CA GLY B 249 2.36 -17.30 7.28
C GLY B 249 1.66 -18.59 7.57
N TYR B 250 2.24 -19.69 7.09
CA TYR B 250 1.74 -21.04 7.31
C TYR B 250 2.83 -21.72 8.13
N SER B 251 2.81 -21.45 9.42
CA SER B 251 3.83 -21.86 10.36
C SER B 251 3.95 -23.37 10.41
N PRO B 252 5.13 -23.89 10.05
CA PRO B 252 5.27 -25.36 9.96
C PRO B 252 5.61 -26.03 11.29
N GLU B 253 6.09 -25.29 12.28
CA GLU B 253 6.56 -25.90 13.50
C GLU B 253 6.05 -25.18 14.74
N LEU B 254 5.67 -25.96 15.75
CA LEU B 254 5.20 -25.40 17.00
C LEU B 254 6.42 -25.26 17.97
N VAL B 255 6.82 -24.02 18.29
CA VAL B 255 7.96 -23.80 19.18
C VAL B 255 7.60 -24.24 20.60
N THR B 256 6.48 -23.76 21.12
CA THR B 256 6.04 -24.10 22.48
C THR B 256 4.57 -23.91 22.59
N ALA B 257 3.90 -24.83 23.27
CA ALA B 257 2.54 -24.63 23.72
C ALA B 257 2.56 -24.94 25.22
N VAL B 258 2.07 -24.04 26.04
CA VAL B 258 1.96 -24.23 27.47
C VAL B 258 0.46 -24.18 27.77
N ARG B 259 -0.09 -25.22 28.39
CA ARG B 259 -1.51 -25.24 28.72
C ARG B 259 -1.74 -24.79 30.17
N ALA B 260 -2.97 -24.38 30.50
CA ALA B 260 -3.33 -23.96 31.86
C ALA B 260 -3.08 -25.06 32.87
N ASP B 261 -3.19 -26.34 32.47
CA ASP B 261 -2.94 -27.44 33.41
C ASP B 261 -1.43 -27.76 33.62
N GLY B 262 -0.55 -26.98 33.00
CA GLY B 262 0.87 -27.16 33.18
C GLY B 262 1.60 -28.00 32.16
N VAL B 263 0.89 -28.59 31.19
CA VAL B 263 1.53 -29.40 30.16
C VAL B 263 2.24 -28.50 29.16
N VAL B 264 3.50 -28.79 28.86
CA VAL B 264 4.30 -28.03 27.88
C VAL B 264 4.57 -28.99 26.71
N ILE B 265 4.43 -28.49 25.49
CA ILE B 265 4.64 -29.28 24.27
C ILE B 265 5.58 -28.50 23.34
N THR B 266 6.48 -29.22 22.68
CA THR B 266 7.30 -28.64 21.63
C THR B 266 7.38 -29.70 20.51
N GLU B 267 7.45 -29.23 19.24
CA GLU B 267 7.39 -30.20 18.15
C GLU B 267 8.45 -29.94 17.10
N PRO B 268 9.72 -30.27 17.41
CA PRO B 268 10.79 -29.97 16.45
C PRO B 268 10.71 -30.77 15.17
N LEU B 269 11.07 -30.12 14.05
CA LEU B 269 11.12 -30.74 12.71
C LEU B 269 12.58 -30.75 12.20
N ALA B 270 12.92 -31.68 11.34
CA ALA B 270 14.23 -31.74 10.69
C ALA B 270 14.10 -32.53 9.40
N GLY B 271 14.85 -32.14 8.40
CA GLY B 271 14.82 -32.82 7.11
C GLY B 271 13.71 -32.29 6.25
N THR B 272 13.91 -32.29 4.93
CA THR B 272 12.89 -31.81 4.03
C THR B 272 12.95 -32.59 2.72
N ARG B 273 11.79 -32.96 2.23
CA ARG B 273 11.59 -33.49 0.88
C ARG B 273 10.43 -32.71 0.29
N ALA B 274 10.34 -32.66 -1.04
CA ALA B 274 9.23 -32.01 -1.68
C ALA B 274 7.92 -32.81 -1.43
N LEU B 275 6.80 -32.13 -1.53
CA LEU B 275 5.45 -32.67 -1.40
C LEU B 275 4.57 -31.91 -2.42
N GLY B 276 3.42 -32.47 -2.75
CA GLY B 276 2.50 -31.85 -3.70
C GLY B 276 2.82 -32.16 -5.14
N ARG B 277 3.56 -33.25 -5.39
CA ARG B 277 3.91 -33.69 -6.73
C ARG B 277 3.11 -34.93 -7.19
N GLY B 278 1.97 -35.19 -6.56
CA GLY B 278 1.15 -36.35 -6.89
C GLY B 278 1.42 -37.49 -5.93
N PRO B 279 0.47 -38.44 -5.81
CA PRO B 279 0.62 -39.52 -4.80
C PRO B 279 1.87 -40.39 -4.90
N ALA B 280 2.19 -40.88 -6.12
CA ALA B 280 3.34 -41.77 -6.31
C ALA B 280 4.68 -41.08 -6.05
N ILE B 281 4.87 -39.85 -6.57
CA ILE B 281 6.11 -39.13 -6.36
C ILE B 281 6.25 -38.75 -4.88
N ASP B 282 5.13 -38.35 -4.24
CA ASP B 282 5.16 -37.97 -2.81
C ASP B 282 5.46 -39.17 -1.90
N ARG B 283 4.97 -40.38 -2.27
CA ARG B 283 5.24 -41.58 -1.47
C ARG B 283 6.73 -41.95 -1.56
N LEU B 284 7.34 -41.82 -2.74
CA LEU B 284 8.78 -42.09 -2.90
C LEU B 284 9.58 -41.09 -2.08
N ALA B 285 9.15 -39.81 -2.05
CA ALA B 285 9.87 -38.81 -1.26
C ALA B 285 9.72 -39.08 0.24
N ARG B 286 8.54 -39.55 0.67
CA ARG B 286 8.29 -39.92 2.07
C ARG B 286 9.20 -41.10 2.50
N ASP B 287 9.27 -42.16 1.66
CA ASP B 287 10.13 -43.30 1.97
C ASP B 287 11.59 -42.92 2.01
N ASP B 288 12.02 -41.98 1.15
CA ASP B 288 13.40 -41.52 1.14
C ASP B 288 13.66 -40.77 2.46
N LEU B 289 12.78 -39.83 2.81
CA LEU B 289 12.92 -39.06 4.03
C LEU B 289 12.99 -39.94 5.29
N GLU B 290 12.10 -40.97 5.39
CA GLU B 290 12.11 -41.85 6.57
C GLU B 290 13.34 -42.76 6.65
N SER B 291 14.07 -42.96 5.54
CA SER B 291 15.22 -43.89 5.56
C SER B 291 16.58 -43.24 5.30
N ASN B 292 16.62 -41.94 5.06
CA ASN B 292 17.85 -41.24 4.73
C ASN B 292 18.70 -40.99 5.98
N SER B 293 19.93 -41.52 6.04
CA SER B 293 20.80 -41.34 7.22
C SER B 293 20.99 -39.89 7.62
N LYS B 294 21.22 -38.98 6.65
CA LYS B 294 21.45 -37.56 6.99
C LYS B 294 20.23 -36.98 7.70
N GLU B 295 19.03 -37.25 7.19
CA GLU B 295 17.83 -36.67 7.82
C GLU B 295 17.59 -37.27 9.19
N ILE B 296 17.81 -38.58 9.32
CA ILE B 296 17.64 -39.25 10.62
C ILE B 296 18.57 -38.67 11.65
N VAL B 297 19.86 -38.52 11.27
CA VAL B 297 20.85 -37.98 12.23
C VAL B 297 20.47 -36.58 12.69
N GLU B 298 20.10 -35.71 11.72
CA GLU B 298 19.75 -34.33 12.08
C GLU B 298 18.51 -34.28 12.97
N HIS B 299 17.54 -35.16 12.71
CA HIS B 299 16.35 -35.20 13.54
C HIS B 299 16.67 -35.67 14.96
N ALA B 300 17.48 -36.75 15.11
CA ALA B 300 17.87 -37.26 16.43
C ALA B 300 18.62 -36.18 17.24
N ILE B 301 19.53 -35.44 16.57
CA ILE B 301 20.29 -34.37 17.25
C ILE B 301 19.32 -33.28 17.76
N SER B 302 18.34 -32.97 16.94
CA SER B 302 17.37 -31.95 17.30
C SER B 302 16.48 -32.39 18.46
N VAL B 303 16.04 -33.65 18.45
CA VAL B 303 15.22 -34.17 19.55
C VAL B 303 16.03 -34.15 20.86
N ARG B 304 17.31 -34.56 20.78
CA ARG B 304 18.17 -34.57 21.97
C ARG B 304 18.31 -33.12 22.51
N SER B 305 18.50 -32.14 21.60
CA SER B 305 18.62 -30.75 22.00
C SER B 305 17.31 -30.25 22.69
N SER B 306 16.14 -30.60 22.17
CA SER B 306 14.86 -30.18 22.76
C SER B 306 14.69 -30.77 24.15
N LEU B 307 15.09 -32.05 24.33
CA LEU B 307 14.97 -32.66 25.64
C LEU B 307 15.90 -32.02 26.63
N GLU B 308 17.12 -31.65 26.21
CA GLU B 308 18.06 -30.98 27.13
C GLU B 308 17.49 -29.62 27.55
N GLU B 309 16.95 -28.86 26.60
CA GLU B 309 16.36 -27.57 26.90
C GLU B 309 15.14 -27.67 27.82
N ILE B 310 14.22 -28.58 27.51
CA ILE B 310 12.96 -28.65 28.24
C ILE B 310 13.20 -29.12 29.69
N THR B 311 14.31 -29.80 29.97
CA THR B 311 14.66 -30.27 31.30
C THR B 311 14.90 -29.11 32.27
N ASP B 312 15.36 -27.96 31.74
CA ASP B 312 15.61 -26.79 32.58
C ASP B 312 14.32 -26.14 33.10
N ILE B 313 13.16 -26.41 32.51
CA ILE B 313 11.90 -25.79 32.97
C ILE B 313 10.85 -26.80 33.44
N ALA B 314 11.14 -28.11 33.35
CA ALA B 314 10.17 -29.14 33.65
C ALA B 314 10.29 -29.78 35.02
N GLU B 315 9.17 -30.33 35.53
CA GLU B 315 9.19 -31.14 36.75
C GLU B 315 10.06 -32.37 36.46
N PRO B 316 10.99 -32.75 37.36
CA PRO B 316 11.87 -33.89 37.07
C PRO B 316 11.10 -35.16 36.73
N GLY B 317 11.53 -35.88 35.70
CA GLY B 317 10.88 -37.12 35.28
C GLY B 317 9.63 -36.95 34.42
N SER B 318 9.27 -35.72 34.05
CA SER B 318 8.07 -35.48 33.26
C SER B 318 8.31 -35.41 31.76
N ALA B 319 9.57 -35.22 31.31
CA ALA B 319 9.86 -35.11 29.89
C ALA B 319 9.69 -36.42 29.14
N ALA B 320 9.12 -36.34 27.94
CA ALA B 320 8.86 -37.53 27.15
C ALA B 320 8.70 -37.22 25.68
N VAL B 321 9.20 -38.11 24.81
CA VAL B 321 8.98 -37.98 23.37
C VAL B 321 7.77 -38.87 23.10
N ILE B 322 6.60 -38.28 22.80
CA ILE B 322 5.37 -39.06 22.66
C ILE B 322 5.07 -39.49 21.25
N ASP B 323 5.81 -39.00 20.29
CA ASP B 323 5.67 -39.37 18.90
C ASP B 323 7.07 -39.10 18.37
N PHE B 324 7.77 -40.12 17.89
CA PHE B 324 9.16 -39.98 17.50
C PHE B 324 9.40 -40.15 16.01
N MET B 325 10.00 -39.11 15.40
CA MET B 325 10.51 -39.13 14.04
C MET B 325 9.48 -39.65 13.01
N THR B 326 8.32 -39.02 12.95
CA THR B 326 7.30 -39.38 11.97
C THR B 326 7.16 -38.22 10.97
N VAL B 327 6.75 -38.53 9.74
CA VAL B 327 6.63 -37.49 8.71
C VAL B 327 5.47 -36.55 8.98
N ARG B 328 5.74 -35.25 8.85
CA ARG B 328 4.79 -34.18 9.05
C ARG B 328 4.64 -33.48 7.69
N GLU B 329 3.42 -33.47 7.15
CA GLU B 329 3.19 -32.90 5.84
C GLU B 329 2.92 -31.38 5.92
N ARG B 330 3.61 -30.61 5.07
CA ARG B 330 3.52 -29.14 5.08
C ARG B 330 3.42 -28.53 3.69
N GLY B 331 2.38 -28.91 2.95
CA GLY B 331 2.09 -28.34 1.63
C GLY B 331 3.11 -28.62 0.55
N SER B 332 4.06 -27.69 0.35
CA SER B 332 5.07 -27.84 -0.70
C SER B 332 6.24 -28.76 -0.25
N VAL B 333 6.33 -29.04 1.06
CA VAL B 333 7.40 -29.84 1.63
C VAL B 333 6.85 -30.77 2.75
N GLN B 334 7.66 -31.75 3.12
CA GLN B 334 7.37 -32.69 4.21
C GLN B 334 8.64 -32.84 5.02
N HIS B 335 8.49 -33.00 6.34
CA HIS B 335 9.64 -33.05 7.25
C HIS B 335 9.51 -34.17 8.28
N LEU B 336 10.60 -34.54 8.95
CA LEU B 336 10.50 -35.49 10.06
C LEU B 336 10.16 -34.64 11.27
N GLY B 337 9.27 -35.14 12.14
CA GLY B 337 8.90 -34.41 13.34
C GLY B 337 8.76 -35.30 14.56
N SER B 338 8.96 -34.74 15.74
CA SER B 338 8.73 -35.47 17.00
C SER B 338 7.92 -34.55 17.91
N THR B 339 7.11 -35.14 18.79
CA THR B 339 6.32 -34.35 19.73
C THR B 339 6.88 -34.63 21.11
N ILE B 340 7.38 -33.59 21.77
CA ILE B 340 7.96 -33.69 23.09
C ILE B 340 7.04 -33.00 24.10
N ARG B 341 6.76 -33.68 25.22
CA ARG B 341 5.97 -33.06 26.26
C ARG B 341 6.64 -33.16 27.61
N ALA B 342 6.34 -32.19 28.47
CA ALA B 342 6.83 -32.15 29.85
C ALA B 342 5.74 -31.44 30.74
N ARG B 343 5.94 -31.38 32.05
CA ARG B 343 5.06 -30.61 32.92
C ARG B 343 5.88 -29.44 33.42
N LEU B 344 5.33 -28.24 33.36
CA LEU B 344 5.99 -27.02 33.78
C LEU B 344 6.26 -27.09 35.27
N ASP B 345 7.53 -26.90 35.68
CA ASP B 345 7.87 -26.93 37.10
C ASP B 345 7.21 -25.75 37.82
N PRO B 346 6.76 -25.93 39.09
CA PRO B 346 6.18 -24.79 39.83
C PRO B 346 7.14 -23.58 39.92
N SER B 347 8.46 -23.82 39.89
CA SER B 347 9.44 -22.72 39.94
C SER B 347 9.58 -21.97 38.61
N SER B 348 8.99 -22.48 37.52
CA SER B 348 9.08 -21.92 36.19
C SER B 348 7.76 -21.22 35.78
N ASP B 349 7.73 -20.65 34.59
CA ASP B 349 6.55 -19.98 34.08
C ASP B 349 6.53 -20.06 32.56
N ARG B 350 5.42 -19.67 31.93
CA ARG B 350 5.28 -19.80 30.49
C ARG B 350 6.36 -19.03 29.70
N MET B 351 6.83 -17.84 30.17
CA MET B 351 7.87 -17.12 29.44
C MET B 351 9.22 -17.81 29.56
N ALA B 352 9.52 -18.40 30.73
CA ALA B 352 10.73 -19.18 30.88
C ALA B 352 10.67 -20.43 29.98
N ALA B 353 9.48 -21.01 29.75
CA ALA B 353 9.36 -22.17 28.85
C ALA B 353 9.65 -21.71 27.42
N LEU B 354 9.08 -20.56 27.00
CA LEU B 354 9.38 -20.03 25.67
C LEU B 354 10.88 -19.75 25.54
N GLU B 355 11.49 -19.10 26.55
CA GLU B 355 12.91 -18.76 26.54
C GLU B 355 13.79 -20.00 26.49
N ALA B 356 13.35 -21.10 27.11
CA ALA B 356 14.12 -22.35 27.08
C ALA B 356 14.10 -23.01 25.69
N LEU B 357 13.02 -22.81 24.92
CA LEU B 357 12.83 -23.48 23.63
C LEU B 357 13.04 -22.61 22.38
N PHE B 358 13.36 -21.35 22.61
CA PHE B 358 13.53 -20.36 21.53
C PHE B 358 14.99 -19.89 21.53
N PRO B 359 15.62 -19.71 20.37
CA PRO B 359 15.07 -19.94 19.04
C PRO B 359 14.99 -21.42 18.72
N ALA B 360 14.16 -21.80 17.75
CA ALA B 360 14.12 -23.21 17.34
C ALA B 360 15.47 -23.60 16.68
N VAL B 361 15.84 -24.90 16.68
CA VAL B 361 17.03 -25.36 15.95
C VAL B 361 16.90 -25.01 14.45
N THR B 362 15.68 -25.15 13.88
CA THR B 362 15.43 -24.80 12.48
C THR B 362 15.54 -23.30 12.17
N ALA B 363 15.73 -22.47 13.18
CA ALA B 363 15.96 -21.03 13.03
C ALA B 363 17.43 -20.70 13.30
N SER B 364 18.21 -21.61 13.94
CA SER B 364 19.52 -21.24 14.44
C SER B 364 20.62 -22.19 13.94
N GLY B 365 20.77 -23.35 14.58
CA GLY B 365 21.77 -24.32 14.18
C GLY B 365 22.12 -25.22 15.33
N ILE B 366 23.25 -25.93 15.17
CA ILE B 366 23.78 -26.85 16.18
C ILE B 366 25.28 -26.67 16.28
N PRO B 367 25.83 -26.45 17.49
CA PRO B 367 25.12 -26.09 18.73
C PRO B 367 24.37 -24.75 18.51
N LYS B 368 23.22 -24.55 19.19
CA LYS B 368 22.39 -23.37 18.97
C LYS B 368 23.13 -22.06 19.21
N ALA B 369 23.97 -21.99 20.24
CA ALA B 369 24.73 -20.78 20.52
C ALA B 369 25.65 -20.41 19.32
N ALA B 370 26.34 -21.40 18.74
CA ALA B 370 27.24 -21.15 17.61
C ALA B 370 26.47 -20.81 16.35
N GLY B 371 25.28 -21.40 16.18
CA GLY B 371 24.44 -21.08 15.04
C GLY B 371 23.95 -19.65 15.10
N VAL B 372 23.49 -19.19 16.28
CA VAL B 372 23.04 -17.80 16.42
C VAL B 372 24.21 -16.84 16.17
N GLU B 373 25.40 -17.17 16.68
CA GLU B 373 26.57 -16.29 16.49
C GLU B 373 26.91 -16.21 14.99
N ALA B 374 26.85 -17.35 14.28
CA ALA B 374 27.17 -17.35 12.85
C ALA B 374 26.14 -16.58 12.05
N ILE B 375 24.84 -16.61 12.43
CA ILE B 375 23.79 -15.87 11.72
C ILE B 375 24.04 -14.36 11.77
N PHE B 376 24.58 -13.87 12.89
CA PHE B 376 24.92 -12.43 12.99
C PHE B 376 25.94 -12.02 11.90
N ARG B 377 26.81 -12.96 11.47
CA ARG B 377 27.87 -12.67 10.51
C ARG B 377 27.52 -13.07 9.08
N LEU B 378 26.76 -14.14 8.92
CA LEU B 378 26.50 -14.71 7.58
C LEU B 378 25.09 -14.56 7.04
N ASP B 379 24.18 -13.97 7.82
CA ASP B 379 22.80 -13.73 7.37
C ASP B 379 22.49 -12.24 7.54
N GLU B 380 21.44 -11.76 6.87
CA GLU B 380 21.04 -10.36 6.99
C GLU B 380 20.33 -10.19 8.32
N CYS B 381 20.88 -9.34 9.20
CA CYS B 381 20.32 -9.12 10.53
C CYS B 381 19.99 -7.64 10.75
N PRO B 382 19.01 -7.32 11.61
CA PRO B 382 18.13 -8.26 12.35
C PRO B 382 17.12 -8.96 11.45
N ARG B 383 16.80 -10.21 11.78
CA ARG B 383 15.81 -10.96 11.03
C ARG B 383 14.38 -10.49 11.33
N GLY B 384 14.13 -9.99 12.54
CA GLY B 384 12.80 -9.54 12.89
C GLY B 384 11.82 -10.69 13.02
N LEU B 385 10.66 -10.60 12.32
CA LEU B 385 9.65 -11.65 12.45
C LEU B 385 10.16 -12.98 11.92
N TYR B 386 10.92 -12.97 10.80
CA TYR B 386 11.41 -14.23 10.22
C TYR B 386 12.21 -15.09 11.20
N SER B 387 11.79 -16.36 11.33
CA SER B 387 12.40 -17.36 12.24
C SER B 387 12.20 -17.03 13.74
N GLY B 388 11.37 -16.02 14.04
CA GLY B 388 10.89 -15.78 15.37
C GLY B 388 9.58 -16.55 15.53
N ALA B 389 8.63 -16.01 16.32
CA ALA B 389 7.34 -16.68 16.54
C ALA B 389 6.19 -15.71 16.55
N VAL B 390 4.98 -16.21 16.25
CA VAL B 390 3.73 -15.47 16.42
C VAL B 390 3.07 -16.17 17.61
N VAL B 391 2.59 -15.39 18.57
CA VAL B 391 2.13 -15.93 19.86
C VAL B 391 0.72 -15.55 20.24
N MET B 392 0.12 -16.41 21.06
CA MET B 392 -1.20 -16.20 21.65
C MET B 392 -1.07 -16.58 23.13
N LEU B 393 -1.38 -15.66 24.04
CA LEU B 393 -1.24 -15.91 25.47
C LEU B 393 -2.60 -15.76 26.12
N SER B 394 -2.90 -16.57 27.15
CA SER B 394 -4.20 -16.51 27.80
C SER B 394 -4.06 -16.18 29.29
N ALA B 395 -5.09 -15.58 29.86
CA ALA B 395 -5.11 -15.18 31.27
C ALA B 395 -5.00 -16.38 32.20
N ASP B 396 -5.46 -17.57 31.76
CA ASP B 396 -5.31 -18.79 32.59
C ASP B 396 -3.89 -19.40 32.57
N GLY B 397 -2.92 -18.74 31.94
CA GLY B 397 -1.55 -19.24 31.88
C GLY B 397 -1.12 -19.85 30.56
N GLY B 398 -2.04 -19.96 29.61
CA GLY B 398 -1.72 -20.54 28.32
C GLY B 398 -0.74 -19.73 27.49
N LEU B 399 0.01 -20.42 26.64
CA LEU B 399 0.91 -19.78 25.69
C LEU B 399 0.95 -20.68 24.47
N ASP B 400 0.85 -20.14 23.28
CA ASP B 400 0.98 -20.91 22.05
C ASP B 400 1.94 -20.11 21.13
N ALA B 401 3.05 -20.71 20.72
CA ALA B 401 4.04 -19.99 19.91
C ALA B 401 4.40 -20.79 18.67
N ALA B 402 4.07 -20.26 17.49
CA ALA B 402 4.31 -20.89 16.19
C ALA B 402 5.55 -20.28 15.52
N LEU B 403 6.44 -21.11 14.97
CA LEU B 403 7.67 -20.64 14.31
C LEU B 403 7.33 -19.91 13.00
N THR B 404 7.86 -18.69 12.85
CA THR B 404 7.56 -17.90 11.66
C THR B 404 8.50 -18.25 10.51
N LEU B 405 8.14 -19.29 9.79
CA LEU B 405 8.79 -19.66 8.54
C LEU B 405 7.60 -19.76 7.54
N ARG B 406 7.87 -19.76 6.23
CA ARG B 406 6.81 -19.87 5.21
C ARG B 406 5.87 -18.65 5.31
N ALA B 407 6.47 -17.48 5.47
CA ALA B 407 5.72 -16.23 5.66
C ALA B 407 6.06 -15.16 4.64
N ALA B 408 5.15 -14.20 4.46
CA ALA B 408 5.31 -13.04 3.59
C ALA B 408 5.17 -11.77 4.45
N TYR B 409 5.86 -10.69 4.07
CA TYR B 409 5.89 -9.44 4.86
C TYR B 409 5.79 -8.23 3.98
N GLN B 410 5.24 -7.16 4.53
CA GLN B 410 5.14 -5.84 3.90
C GLN B 410 5.41 -4.78 4.93
N VAL B 411 6.48 -4.02 4.73
CA VAL B 411 6.87 -2.97 5.67
C VAL B 411 7.48 -1.81 4.86
N GLY B 412 7.03 -0.60 5.11
CA GLY B 412 7.56 0.59 4.43
C GLY B 412 7.63 0.51 2.93
N GLY B 413 6.59 0.00 2.29
CA GLY B 413 6.53 -0.04 0.83
C GLY B 413 7.23 -1.21 0.18
N ARG B 414 7.85 -2.08 0.98
CA ARG B 414 8.57 -3.23 0.46
C ARG B 414 7.84 -4.52 0.83
N THR B 415 7.64 -5.44 -0.15
CA THR B 415 6.98 -6.71 0.06
C THR B 415 8.01 -7.77 -0.22
N TRP B 416 8.14 -8.76 0.69
CA TRP B 416 9.10 -9.81 0.47
C TRP B 416 8.76 -11.12 1.13
N LEU B 417 9.42 -12.17 0.64
CA LEU B 417 9.39 -13.53 1.16
C LEU B 417 10.80 -13.81 1.71
N ARG B 418 10.91 -14.84 2.56
CA ARG B 418 12.24 -15.18 3.11
C ARG B 418 12.24 -16.66 3.43
N ALA B 419 13.26 -17.36 2.91
CA ALA B 419 13.41 -18.78 3.15
C ALA B 419 14.87 -19.14 3.30
N GLY B 420 15.11 -20.20 4.06
CA GLY B 420 16.45 -20.65 4.33
C GLY B 420 16.64 -22.15 4.24
N ALA B 421 17.77 -22.57 4.74
CA ALA B 421 18.13 -23.97 4.71
C ALA B 421 19.14 -24.28 5.79
N GLY B 422 19.09 -25.51 6.29
CA GLY B 422 20.02 -25.98 7.28
C GLY B 422 21.27 -26.42 6.56
N ILE B 423 22.40 -25.75 6.81
CA ILE B 423 23.68 -26.06 6.17
C ILE B 423 24.51 -26.93 7.06
N ILE B 424 25.01 -28.06 6.53
CA ILE B 424 25.89 -28.97 7.24
C ILE B 424 27.19 -29.15 6.43
N GLU B 425 28.15 -29.95 6.92
CA GLU B 425 29.44 -30.13 6.25
C GLU B 425 29.36 -30.57 4.79
N GLU B 426 28.38 -31.45 4.49
CA GLU B 426 28.22 -31.99 3.14
C GLU B 426 27.35 -31.13 2.21
N SER B 427 26.87 -29.96 2.68
CA SER B 427 26.02 -29.10 1.87
C SER B 427 26.73 -28.56 0.64
N GLU B 428 25.96 -28.41 -0.45
CA GLU B 428 26.46 -27.82 -1.68
C GLU B 428 25.64 -26.55 -1.94
N PRO B 429 26.31 -25.42 -2.24
CA PRO B 429 25.57 -24.16 -2.46
C PRO B 429 24.40 -24.25 -3.45
N GLU B 430 24.60 -24.89 -4.61
CA GLU B 430 23.55 -25.00 -5.62
C GLU B 430 22.32 -25.74 -5.11
N ARG B 431 22.53 -26.89 -4.44
CA ARG B 431 21.44 -27.67 -3.88
C ARG B 431 20.71 -26.89 -2.76
N GLU B 432 21.46 -26.18 -1.90
CA GLU B 432 20.83 -25.41 -0.84
C GLU B 432 19.99 -24.26 -1.39
N PHE B 433 20.41 -23.66 -2.52
CA PHE B 433 19.62 -22.61 -3.16
C PHE B 433 18.31 -23.21 -3.68
N GLU B 434 18.37 -24.39 -4.33
CA GLU B 434 17.16 -25.05 -4.81
C GLU B 434 16.23 -25.43 -3.63
N GLU B 435 16.83 -25.83 -2.50
CA GLU B 435 16.09 -26.11 -1.28
C GLU B 435 15.27 -24.88 -0.84
N THR B 436 15.86 -23.66 -0.89
CA THR B 436 15.10 -22.45 -0.52
C THR B 436 13.93 -22.22 -1.50
N CYS B 437 14.11 -22.60 -2.80
CA CYS B 437 13.05 -22.48 -3.79
C CYS B 437 11.87 -23.39 -3.42
N GLU B 438 12.15 -24.64 -2.96
CA GLU B 438 11.07 -25.56 -2.55
C GLU B 438 10.29 -24.98 -1.39
N LYS B 439 10.99 -24.35 -0.42
CA LYS B 439 10.31 -23.74 0.71
C LYS B 439 9.50 -22.51 0.29
N LEU B 440 10.05 -21.73 -0.63
CA LEU B 440 9.34 -20.53 -1.14
C LEU B 440 8.03 -20.96 -1.85
N SER B 441 7.99 -22.18 -2.44
CA SER B 441 6.83 -22.74 -3.16
C SER B 441 5.59 -22.92 -2.27
N THR B 442 5.74 -22.82 -0.93
CA THR B 442 4.59 -22.84 -0.03
C THR B 442 3.71 -21.56 -0.31
N LEU B 443 4.35 -20.47 -0.79
CA LEU B 443 3.70 -19.19 -1.04
C LEU B 443 3.71 -18.70 -2.49
N THR B 444 4.84 -18.89 -3.22
CA THR B 444 4.99 -18.32 -4.56
C THR B 444 3.86 -18.64 -5.58
N PRO B 445 3.15 -19.78 -5.57
CA PRO B 445 2.04 -19.97 -6.53
C PRO B 445 0.73 -19.31 -6.09
N TYR B 446 0.72 -18.65 -4.89
CA TYR B 446 -0.52 -18.16 -4.29
C TYR B 446 -0.55 -16.68 -3.97
N LEU B 447 0.26 -15.87 -4.64
CA LEU B 447 0.29 -14.43 -4.36
C LEU B 447 -0.80 -13.70 -5.13
N VAL B 448 -1.74 -13.10 -4.41
CA VAL B 448 -2.82 -12.36 -5.04
C VAL B 448 -2.45 -10.89 -5.09
N ALA B 449 -2.41 -10.30 -6.28
CA ALA B 449 -2.08 -8.87 -6.37
C ALA B 449 -3.19 -7.97 -5.78
N ARG B 450 -2.79 -6.83 -5.21
CA ARG B 450 -3.70 -5.82 -4.67
C ARG B 450 -4.45 -5.14 -5.83
C1 TXR C . 0.43 21.04 -22.73
C2 TXR C . -0.16 22.13 -23.42
C3 TXR C . 0.00 23.22 -22.63
C5 TXR C . 0.93 21.52 -21.58
C6 TXR C . 1.62 20.87 -20.49
C11 TXR C . -0.57 26.82 -21.77
C13 TXR C . -1.04 26.52 -24.11
C14 TXR C . -0.77 25.16 -23.98
C15 TXR C . -1.39 27.12 -25.45
C9 TXR C . -0.38 24.63 -22.75
C10 TXR C . -0.29 25.47 -21.64
C12 TXR C . -0.94 27.35 -22.98
O4 TXR C . 0.68 22.87 -21.48
O7 TXR C . 1.95 19.67 -20.65
O8 TXR C . 1.85 21.57 -19.49
O16 TXR C . -1.39 28.36 -25.54
O17 TXR C . -1.68 26.35 -26.40
S SO4 D . -4.93 32.86 -10.90
O1 SO4 D . -3.46 33.00 -10.78
O2 SO4 D . -5.56 34.19 -10.78
O3 SO4 D . -5.34 32.09 -12.11
O4 SO4 D . -5.56 32.08 -9.80
C1 GOL E . 12.71 3.61 -11.04
O1 GOL E . 12.53 2.21 -11.03
C2 GOL E . 11.62 4.29 -11.85
O2 GOL E . 10.33 3.92 -11.35
C3 GOL E . 11.73 3.95 -13.33
O3 GOL E . 11.14 4.95 -14.13
C1 TXR F . 14.72 -22.27 7.21
C2 TXR F . 15.23 -23.46 7.78
C3 TXR F . 14.32 -24.43 7.58
C5 TXR F . 13.51 -22.58 6.68
C6 TXR F . 12.51 -21.76 5.99
C11 TXR F . 13.02 -27.92 8.01
C13 TXR F . 15.41 -27.95 8.33
C14 TXR F . 15.45 -26.57 8.12
C15 TXR F . 16.68 -28.73 8.56
C9 TXR F . 14.27 -25.87 7.84
C10 TXR F . 13.06 -26.55 7.79
C12 TXR F . 14.18 -28.61 8.28
O4 TXR F . 13.23 -23.90 6.90
O7 TXR F . 12.82 -20.59 5.73
O8 TXR F . 11.43 -22.29 5.70
O16 TXR F . 16.63 -29.98 8.44
O17 TXR F . 17.70 -28.09 8.87
S SO4 G . 1.47 -32.57 12.52
O1 SO4 G . 1.37 -32.92 11.08
O2 SO4 G . 0.44 -31.58 12.89
O3 SO4 G . 1.15 -33.82 13.23
O4 SO4 G . 2.81 -32.06 12.88
S SO4 H . 2.41 -1.93 -7.77
O1 SO4 H . 3.65 -1.33 -8.27
O2 SO4 H . 1.40 -0.90 -7.51
O3 SO4 H . 1.91 -2.95 -8.70
O4 SO4 H . 2.72 -2.56 -6.46
S SO4 I . -17.43 -1.32 18.09
O1 SO4 I . -16.14 -0.77 17.63
O2 SO4 I . -18.53 -0.45 17.68
O3 SO4 I . -17.73 -2.64 17.50
O4 SO4 I . -17.21 -1.40 19.55
#